data_4RIH
#
_entry.id   4RIH
#
_cell.length_a   52.870
_cell.length_b   59.030
_cell.length_c   64.280
_cell.angle_alpha   80.08
_cell.angle_beta   69.08
_cell.angle_gamma   86.45
#
_symmetry.space_group_name_H-M   'P 1'
#
loop_
_entity.id
_entity.type
_entity.pdbx_description
1 polymer 'Glycosyl transferase homolog,Glycosyl transferase'
2 non-polymer "2'-deoxy-5'-O-[(R)-{[(R)-{[(1S,3R,4R,5S)-3,4-dihydroxy-5-methylcyclohexyl]oxy}(hydroxy)phosphoryl]oxy}(hydroxy)phosphoryl]-3,4-dihydrothymidine"
3 non-polymer 'MAGNESIUM ION'
4 water water
#
_entity_poly.entity_id   1
_entity_poly.type   'polypeptide(L)'
_entity_poly.pdbx_seq_one_letter_code
;MKILFVAAGSPATVFALAPLATAARNAGHDVFMGAVEDMVPYIASAGIPAVATTDLPIRHFITMDREGNPVRMPETPEEE
LDFAGHWFGRMAAGSMDALREVTANWRPDLVVGGSMSFAAALIAAELGVPYVRQAWDTGDAWRTDPAASDELRPELRALG
LDRLPDPALFVDICPPSLRPADAPPAQMMRWVPANGQRRLEPWMYTKGNRPRILVTSGSRLVFAKKTGFLRGLVADMAAL
DAEVVIATLDEVAEELRTELPGVRAGWVPLDVVVPTCDVVVHHAGGVTALTAMNAGVPQLIVPQGGNFVEAGLRISDFGA
AITVDENTPEAVEKACGELIGNPSYAERARELSAEIAALPLPAEVVGALEGLVENLYFQ
;
_entity_poly.pdbx_strand_id   A,B
#
loop_
_chem_comp.id
_chem_comp.type
_chem_comp.name
_chem_comp.formula
3R2 non-polymer 2'-deoxy-5'-O-[(R)-{[(R)-{[(1S,3R,4R,5S)-3,4-dihydroxy-5-methylcyclohexyl]oxy}(hydroxy)phosphoryl]oxy}(hydroxy)phosphoryl]-3,4-dihydrothymidine 'C17 H28 N2 O13 P2'
MG non-polymer 'MAGNESIUM ION' 'Mg 2'
#
# COMPACT_ATOMS: atom_id res chain seq x y z
N MET A 1 0.06 -17.39 -7.76
CA MET A 1 -0.56 -17.22 -9.07
C MET A 1 -0.57 -15.73 -9.49
N LYS A 2 -0.91 -15.47 -10.75
CA LYS A 2 -1.06 -14.11 -11.28
C LYS A 2 -2.51 -13.67 -11.15
N ILE A 3 -2.76 -12.60 -10.37
CA ILE A 3 -4.13 -12.08 -10.19
C ILE A 3 -4.21 -10.68 -10.74
N LEU A 4 -5.15 -10.44 -11.65
CA LEU A 4 -5.42 -9.10 -12.18
C LEU A 4 -6.64 -8.53 -11.47
N PHE A 5 -6.44 -7.42 -10.76
CA PHE A 5 -7.53 -6.68 -10.13
C PHE A 5 -7.94 -5.56 -11.07
N VAL A 6 -9.25 -5.32 -11.19
CA VAL A 6 -9.73 -4.26 -12.08
C VAL A 6 -10.55 -3.28 -11.26
N ALA A 7 -9.98 -2.09 -11.02
CA ALA A 7 -10.69 -1.00 -10.32
C ALA A 7 -11.47 -0.21 -11.40
N ALA A 8 -11.92 1.01 -11.13
CA ALA A 8 -12.69 1.75 -12.14
C ALA A 8 -12.06 3.11 -12.42
N GLY A 9 -12.81 4.18 -12.25
CA GLY A 9 -12.31 5.51 -12.53
C GLY A 9 -12.25 6.48 -11.37
N SER A 10 -12.53 5.98 -10.16
CA SER A 10 -12.57 6.79 -8.94
C SER A 10 -11.63 6.25 -7.87
N PRO A 11 -10.98 7.11 -7.04
CA PRO A 11 -10.06 6.60 -6.01
C PRO A 11 -10.72 5.58 -5.05
N ALA A 12 -12.02 5.78 -4.73
CA ALA A 12 -12.80 4.89 -3.86
C ALA A 12 -12.87 3.46 -4.39
N THR A 13 -12.84 3.29 -5.74
CA THR A 13 -12.90 1.95 -6.36
C THR A 13 -11.53 1.24 -6.19
N VAL A 14 -10.43 2.01 -6.16
CA VAL A 14 -9.07 1.49 -5.90
C VAL A 14 -9.01 1.06 -4.43
N PHE A 15 -9.51 1.92 -3.52
CA PHE A 15 -9.50 1.71 -2.05
C PHE A 15 -10.31 0.48 -1.65
N ALA A 16 -11.43 0.24 -2.33
CA ALA A 16 -12.33 -0.89 -2.06
C ALA A 16 -11.70 -2.24 -2.40
N LEU A 17 -10.74 -2.27 -3.34
CA LEU A 17 -10.07 -3.52 -3.74
C LEU A 17 -8.67 -3.68 -3.15
N ALA A 18 -8.05 -2.59 -2.64
CA ALA A 18 -6.70 -2.61 -2.06
C ALA A 18 -6.53 -3.61 -0.88
N PRO A 19 -7.49 -3.84 0.05
CA PRO A 19 -7.25 -4.84 1.11
C PRO A 19 -7.05 -6.27 0.56
N LEU A 20 -7.94 -6.71 -0.36
CA LEU A 20 -7.85 -8.05 -0.94
C LEU A 20 -6.62 -8.20 -1.87
N ALA A 21 -6.26 -7.12 -2.61
CA ALA A 21 -5.09 -7.14 -3.49
C ALA A 21 -3.80 -7.23 -2.67
N THR A 22 -3.69 -6.45 -1.57
CA THR A 22 -2.51 -6.47 -0.71
C THR A 22 -2.46 -7.78 0.08
N ALA A 23 -3.63 -8.35 0.48
CA ALA A 23 -3.67 -9.64 1.18
C ALA A 23 -3.16 -10.75 0.24
N ALA A 24 -3.55 -10.71 -1.05
CA ALA A 24 -3.07 -11.67 -2.06
C ALA A 24 -1.56 -11.49 -2.31
N ARG A 25 -1.05 -10.23 -2.37
CA ARG A 25 0.40 -9.95 -2.52
C ARG A 25 1.13 -10.47 -1.27
N ASN A 26 0.54 -10.28 -0.07
CA ASN A 26 1.11 -10.73 1.19
C ASN A 26 1.17 -12.27 1.30
N ALA A 27 0.39 -12.97 0.46
CA ALA A 27 0.34 -14.44 0.42
C ALA A 27 1.29 -14.99 -0.67
N GLY A 28 2.06 -14.10 -1.30
CA GLY A 28 3.04 -14.48 -2.30
C GLY A 28 2.56 -14.50 -3.74
N HIS A 29 1.33 -14.02 -3.98
CA HIS A 29 0.78 -13.95 -5.33
C HIS A 29 1.33 -12.73 -6.08
N ASP A 30 1.35 -12.81 -7.43
CA ASP A 30 1.75 -11.75 -8.34
C ASP A 30 0.50 -10.97 -8.68
N VAL A 31 0.38 -9.76 -8.17
CA VAL A 31 -0.83 -8.97 -8.33
C VAL A 31 -0.55 -7.69 -9.12
N PHE A 32 -1.42 -7.42 -10.10
CA PHE A 32 -1.51 -6.19 -10.89
C PHE A 32 -2.91 -5.64 -10.71
N MET A 33 -3.04 -4.32 -10.68
CA MET A 33 -4.35 -3.68 -10.62
C MET A 33 -4.47 -2.66 -11.74
N GLY A 34 -5.57 -2.76 -12.49
CA GLY A 34 -5.88 -1.86 -13.58
C GLY A 34 -6.98 -0.87 -13.22
N ALA A 35 -6.89 0.33 -13.78
CA ALA A 35 -7.87 1.41 -13.65
C ALA A 35 -7.58 2.45 -14.72
N VAL A 36 -8.47 3.43 -14.89
CA VAL A 36 -8.25 4.51 -15.86
C VAL A 36 -6.90 5.20 -15.52
N GLU A 37 -6.21 5.71 -16.54
CA GLU A 37 -4.92 6.40 -16.41
C GLU A 37 -4.89 7.38 -15.21
N ASP A 38 -5.95 8.20 -15.01
CA ASP A 38 -6.01 9.16 -13.89
C ASP A 38 -5.95 8.49 -12.52
N MET A 39 -6.38 7.22 -12.43
CA MET A 39 -6.39 6.46 -11.19
C MET A 39 -5.10 5.70 -10.95
N VAL A 40 -4.24 5.54 -11.98
CA VAL A 40 -2.98 4.81 -11.85
C VAL A 40 -2.16 5.32 -10.61
N PRO A 41 -1.97 6.65 -10.33
CA PRO A 41 -1.19 7.04 -9.14
C PRO A 41 -1.84 6.57 -7.81
N TYR A 42 -3.18 6.42 -7.77
CA TYR A 42 -3.89 5.91 -6.59
C TYR A 42 -3.58 4.44 -6.33
N ILE A 43 -3.47 3.64 -7.41
CA ILE A 43 -3.12 2.20 -7.29
C ILE A 43 -1.67 2.11 -6.76
N ALA A 44 -0.75 2.88 -7.38
CA ALA A 44 0.67 2.91 -7.01
C ALA A 44 0.85 3.34 -5.55
N SER A 45 0.05 4.33 -5.09
CA SER A 45 0.12 4.85 -3.73
C SER A 45 -0.60 3.94 -2.71
N ALA A 46 -1.17 2.82 -3.19
CA ALA A 46 -1.76 1.75 -2.39
C ALA A 46 -0.75 0.59 -2.29
N GLY A 47 0.41 0.76 -2.93
CA GLY A 47 1.52 -0.20 -2.96
C GLY A 47 1.29 -1.37 -3.89
N ILE A 48 0.50 -1.16 -4.96
CA ILE A 48 0.18 -2.23 -5.91
C ILE A 48 0.69 -1.89 -7.33
N PRO A 49 1.32 -2.86 -8.06
CA PRO A 49 1.72 -2.59 -9.45
C PRO A 49 0.51 -2.13 -10.28
N ALA A 50 0.65 -0.95 -10.95
CA ALA A 50 -0.45 -0.29 -11.64
C ALA A 50 -0.36 -0.30 -13.16
N VAL A 51 -1.47 -0.72 -13.82
CA VAL A 51 -1.63 -0.67 -15.27
C VAL A 51 -2.80 0.27 -15.63
N ALA A 52 -2.68 1.02 -16.72
CA ALA A 52 -3.74 1.91 -17.19
C ALA A 52 -4.70 1.12 -18.12
N THR A 53 -6.01 1.27 -17.96
CA THR A 53 -6.97 0.53 -18.79
C THR A 53 -7.54 1.38 -19.95
N THR A 54 -7.49 2.70 -19.83
CA THR A 54 -7.94 3.71 -20.79
C THR A 54 -7.31 5.03 -20.37
N ASP A 55 -7.14 5.95 -21.32
CA ASP A 55 -6.56 7.27 -21.06
C ASP A 55 -7.67 8.30 -20.77
N LEU A 56 -8.94 7.88 -20.80
CA LEU A 56 -10.09 8.77 -20.61
C LEU A 56 -10.58 8.80 -19.15
N PRO A 57 -11.02 9.99 -18.66
CA PRO A 57 -11.55 10.06 -17.28
C PRO A 57 -13.04 9.64 -17.22
N ILE A 58 -13.58 9.43 -15.99
CA ILE A 58 -15.00 9.06 -15.81
C ILE A 58 -15.94 10.06 -16.48
N ARG A 59 -15.61 11.37 -16.43
CA ARG A 59 -16.39 12.48 -17.02
C ARG A 59 -16.68 12.21 -18.50
N HIS A 60 -15.69 11.73 -19.26
CA HIS A 60 -15.90 11.37 -20.67
C HIS A 60 -17.00 10.31 -20.81
N PHE A 61 -16.95 9.25 -19.96
CA PHE A 61 -17.90 8.14 -20.04
C PHE A 61 -19.30 8.53 -19.52
N ILE A 62 -19.37 9.43 -18.53
CA ILE A 62 -20.62 9.89 -17.92
C ILE A 62 -21.42 10.81 -18.87
N THR A 63 -20.78 11.81 -19.47
CA THR A 63 -21.43 12.86 -20.22
C THR A 63 -21.73 12.53 -21.69
N MET A 64 -21.05 11.52 -22.28
CA MET A 64 -21.20 11.21 -23.70
C MET A 64 -21.32 9.71 -23.98
N ASP A 65 -22.07 9.35 -25.05
CA ASP A 65 -22.22 7.97 -25.46
C ASP A 65 -21.01 7.56 -26.32
N ARG A 66 -21.01 6.31 -26.84
CA ARG A 66 -19.92 5.76 -27.65
C ARG A 66 -19.65 6.57 -28.92
N GLU A 67 -20.68 7.23 -29.46
CA GLU A 67 -20.58 8.04 -30.66
C GLU A 67 -20.17 9.50 -30.35
N GLY A 68 -20.01 9.81 -29.06
CA GLY A 68 -19.60 11.13 -28.59
C GLY A 68 -20.74 12.12 -28.41
N ASN A 69 -22.00 11.64 -28.53
CA ASN A 69 -23.19 12.47 -28.37
C ASN A 69 -23.47 12.76 -26.91
N PRO A 70 -23.91 13.99 -26.55
CA PRO A 70 -24.21 14.29 -25.13
C PRO A 70 -25.31 13.41 -24.57
N VAL A 71 -25.09 12.94 -23.34
CA VAL A 71 -26.01 12.10 -22.57
C VAL A 71 -26.68 13.00 -21.51
N ARG A 72 -28.02 12.96 -21.43
CA ARG A 72 -28.71 13.76 -20.42
C ARG A 72 -28.56 13.09 -19.04
N MET A 73 -28.34 13.91 -18.00
CA MET A 73 -28.17 13.43 -16.63
C MET A 73 -29.49 12.85 -16.08
N PRO A 74 -29.43 11.83 -15.19
CA PRO A 74 -30.68 11.27 -14.63
C PRO A 74 -31.48 12.28 -13.81
N GLU A 75 -32.82 12.12 -13.80
CA GLU A 75 -33.74 13.02 -13.10
C GLU A 75 -34.42 12.36 -11.90
N THR A 76 -34.30 11.02 -11.75
CA THR A 76 -34.94 10.25 -10.68
C THR A 76 -34.00 9.12 -10.20
N PRO A 77 -34.21 8.49 -8.99
CA PRO A 77 -33.34 7.38 -8.56
C PRO A 77 -33.42 6.13 -9.44
N GLU A 78 -34.59 5.92 -10.10
CA GLU A 78 -34.81 4.79 -10.99
C GLU A 78 -33.95 4.96 -12.25
N GLU A 79 -33.86 6.23 -12.73
CA GLU A 79 -33.06 6.61 -13.88
C GLU A 79 -31.56 6.43 -13.58
N GLU A 80 -31.15 6.68 -12.32
CA GLU A 80 -29.77 6.57 -11.83
C GLU A 80 -29.15 5.18 -12.05
N LEU A 81 -29.90 4.09 -11.78
CA LEU A 81 -29.43 2.72 -11.96
C LEU A 81 -29.15 2.40 -13.40
N ASP A 82 -30.07 2.80 -14.31
CA ASP A 82 -29.94 2.58 -15.74
C ASP A 82 -28.81 3.44 -16.31
N PHE A 83 -28.75 4.72 -15.91
CA PHE A 83 -27.70 5.66 -16.32
C PHE A 83 -26.30 5.15 -15.92
N ALA A 84 -26.16 4.60 -14.69
CA ALA A 84 -24.88 4.09 -14.19
C ALA A 84 -24.43 2.85 -14.93
N GLY A 85 -25.35 1.93 -15.20
CA GLY A 85 -25.04 0.73 -15.97
C GLY A 85 -24.48 1.07 -17.32
N HIS A 86 -25.04 2.11 -17.94
CA HIS A 86 -24.61 2.59 -19.23
C HIS A 86 -23.24 3.29 -19.20
N TRP A 87 -22.98 4.24 -18.28
CA TRP A 87 -21.67 4.91 -18.28
C TRP A 87 -20.54 3.95 -17.81
N PHE A 88 -20.82 3.06 -16.84
CA PHE A 88 -19.86 2.03 -16.40
C PHE A 88 -19.66 1.01 -17.51
N GLY A 89 -20.72 0.73 -18.28
CA GLY A 89 -20.67 -0.15 -19.44
C GLY A 89 -19.77 0.43 -20.52
N ARG A 90 -19.87 1.74 -20.74
CA ARG A 90 -19.05 2.49 -21.71
C ARG A 90 -17.58 2.53 -21.26
N MET A 91 -17.32 2.75 -19.94
CA MET A 91 -15.96 2.75 -19.43
C MET A 91 -15.32 1.35 -19.62
N ALA A 92 -16.09 0.27 -19.35
CA ALA A 92 -15.66 -1.13 -19.55
C ALA A 92 -15.30 -1.37 -21.03
N ALA A 93 -16.18 -0.94 -21.97
CA ALA A 93 -15.98 -1.08 -23.41
C ALA A 93 -14.71 -0.34 -23.87
N GLY A 94 -14.47 0.83 -23.27
CA GLY A 94 -13.28 1.65 -23.56
C GLY A 94 -11.99 1.13 -22.96
N SER A 95 -12.08 0.13 -22.06
CA SER A 95 -10.94 -0.46 -21.34
C SER A 95 -10.42 -1.79 -21.95
N MET A 96 -11.17 -2.41 -22.87
CA MET A 96 -10.84 -3.72 -23.43
C MET A 96 -9.51 -3.78 -24.23
N ASP A 97 -9.21 -2.79 -25.10
CA ASP A 97 -7.96 -2.79 -25.88
C ASP A 97 -6.72 -2.83 -24.97
N ALA A 98 -6.65 -1.95 -23.94
CA ALA A 98 -5.49 -1.95 -23.02
C ALA A 98 -5.42 -3.22 -22.19
N LEU A 99 -6.56 -3.78 -21.75
CA LEU A 99 -6.55 -5.01 -20.96
C LEU A 99 -6.10 -6.20 -21.80
N ARG A 100 -6.43 -6.22 -23.13
CA ARG A 100 -6.00 -7.25 -24.07
C ARG A 100 -4.48 -7.18 -24.28
N GLU A 101 -3.91 -5.95 -24.38
CA GLU A 101 -2.48 -5.71 -24.57
C GLU A 101 -1.70 -6.19 -23.33
N VAL A 102 -2.21 -5.88 -22.12
CA VAL A 102 -1.58 -6.28 -20.86
C VAL A 102 -1.64 -7.81 -20.68
N THR A 103 -2.85 -8.41 -20.82
CA THR A 103 -3.06 -9.84 -20.55
C THR A 103 -2.49 -10.76 -21.66
N ALA A 104 -2.00 -10.19 -22.77
CA ALA A 104 -1.32 -10.95 -23.81
C ALA A 104 0.14 -11.19 -23.40
N ASN A 105 0.70 -10.24 -22.62
CA ASN A 105 2.08 -10.23 -22.15
C ASN A 105 2.23 -10.76 -20.71
N TRP A 106 1.21 -10.54 -19.86
CA TRP A 106 1.15 -10.99 -18.46
C TRP A 106 -0.20 -11.66 -18.30
N ARG A 107 -0.27 -12.98 -18.52
CA ARG A 107 -1.55 -13.69 -18.48
C ARG A 107 -1.97 -14.01 -17.04
N PRO A 108 -3.07 -13.39 -16.54
CA PRO A 108 -3.51 -13.73 -15.18
C PRO A 108 -4.19 -15.10 -15.13
N ASP A 109 -4.14 -15.74 -13.96
CA ASP A 109 -4.80 -17.01 -13.70
C ASP A 109 -6.21 -16.75 -13.14
N LEU A 110 -6.45 -15.51 -12.71
CA LEU A 110 -7.69 -15.07 -12.06
C LEU A 110 -7.87 -13.58 -12.21
N VAL A 111 -9.13 -13.14 -12.40
CA VAL A 111 -9.46 -11.72 -12.54
C VAL A 111 -10.46 -11.35 -11.42
N VAL A 112 -10.13 -10.30 -10.65
CA VAL A 112 -10.99 -9.79 -9.58
C VAL A 112 -11.45 -8.38 -9.95
N GLY A 113 -12.75 -8.18 -10.00
CA GLY A 113 -13.32 -6.88 -10.30
C GLY A 113 -14.19 -6.36 -9.17
N GLY A 114 -14.40 -5.06 -9.16
CA GLY A 114 -15.32 -4.39 -8.24
C GLY A 114 -16.74 -4.55 -8.73
N SER A 115 -17.72 -3.98 -7.99
CA SER A 115 -19.15 -4.06 -8.35
C SER A 115 -19.44 -3.77 -9.83
N MET A 116 -19.03 -2.57 -10.34
CA MET A 116 -19.32 -2.17 -11.71
C MET A 116 -18.05 -2.11 -12.63
N SER A 117 -17.00 -2.95 -12.36
CA SER A 117 -15.79 -3.06 -13.20
C SER A 117 -16.05 -4.13 -14.25
N PHE A 118 -17.07 -3.92 -15.09
CA PHE A 118 -17.58 -4.90 -16.07
C PHE A 118 -16.51 -5.43 -17.00
N ALA A 119 -15.42 -4.65 -17.26
CA ALA A 119 -14.31 -5.11 -18.11
C ALA A 119 -13.59 -6.33 -17.51
N ALA A 120 -13.69 -6.52 -16.17
CA ALA A 120 -13.13 -7.69 -15.47
C ALA A 120 -13.87 -8.95 -15.91
N ALA A 121 -15.21 -8.86 -16.03
CA ALA A 121 -16.08 -9.97 -16.50
C ALA A 121 -15.77 -10.36 -17.92
N LEU A 122 -15.58 -9.35 -18.79
CA LEU A 122 -15.31 -9.54 -20.21
C LEU A 122 -13.91 -10.10 -20.45
N ILE A 123 -12.84 -9.48 -19.87
CA ILE A 123 -11.48 -9.99 -20.09
C ILE A 123 -11.33 -11.43 -19.52
N ALA A 124 -11.97 -11.77 -18.37
CA ALA A 124 -11.87 -13.11 -17.80
C ALA A 124 -12.51 -14.15 -18.73
N ALA A 125 -13.65 -13.79 -19.36
CA ALA A 125 -14.36 -14.65 -20.33
C ALA A 125 -13.51 -14.90 -21.57
N GLU A 126 -12.80 -13.85 -22.07
CA GLU A 126 -11.92 -13.91 -23.24
C GLU A 126 -10.70 -14.80 -22.96
N LEU A 127 -10.11 -14.65 -21.77
CA LEU A 127 -8.95 -15.42 -21.33
C LEU A 127 -9.34 -16.86 -20.94
N GLY A 128 -10.60 -17.06 -20.56
CA GLY A 128 -11.10 -18.35 -20.10
C GLY A 128 -10.57 -18.68 -18.72
N VAL A 129 -10.50 -17.65 -17.84
CA VAL A 129 -10.03 -17.78 -16.45
C VAL A 129 -11.18 -17.35 -15.50
N PRO A 130 -11.21 -17.86 -14.23
CA PRO A 130 -12.30 -17.46 -13.32
C PRO A 130 -12.36 -15.96 -13.05
N TYR A 131 -13.58 -15.47 -12.91
CA TYR A 131 -13.90 -14.08 -12.65
C TYR A 131 -14.49 -13.95 -11.25
N VAL A 132 -13.87 -13.10 -10.44
CA VAL A 132 -14.31 -12.84 -9.07
C VAL A 132 -14.89 -11.45 -9.04
N ARG A 133 -16.12 -11.34 -8.53
CA ARG A 133 -16.77 -10.04 -8.38
C ARG A 133 -16.77 -9.67 -6.91
N GLN A 134 -16.09 -8.55 -6.56
CA GLN A 134 -16.05 -8.09 -5.16
C GLN A 134 -16.94 -6.88 -5.00
N ALA A 135 -17.93 -6.94 -4.07
CA ALA A 135 -18.77 -5.76 -3.82
C ALA A 135 -17.85 -4.62 -3.30
N TRP A 136 -18.02 -3.38 -3.80
CA TRP A 136 -17.14 -2.28 -3.38
C TRP A 136 -17.86 -1.35 -2.40
N ASP A 137 -19.13 -1.67 -2.05
CA ASP A 137 -19.95 -0.99 -1.05
C ASP A 137 -21.07 -1.95 -0.57
N THR A 138 -21.90 -1.48 0.38
CA THR A 138 -22.98 -2.28 0.96
C THR A 138 -24.23 -2.30 0.05
N GLY A 139 -24.20 -1.56 -1.04
CA GLY A 139 -25.25 -1.57 -2.03
C GLY A 139 -25.18 -2.83 -2.86
N ASP A 140 -26.31 -3.22 -3.46
CA ASP A 140 -26.39 -4.43 -4.29
C ASP A 140 -25.42 -4.32 -5.45
N ALA A 141 -24.41 -5.22 -5.50
CA ALA A 141 -23.36 -5.18 -6.53
C ALA A 141 -23.93 -5.32 -7.94
N TRP A 142 -25.05 -6.03 -8.09
CA TRP A 142 -25.76 -6.33 -9.33
C TRP A 142 -26.83 -5.26 -9.70
N ARG A 143 -26.92 -4.13 -8.94
CA ARG A 143 -27.96 -3.11 -9.11
C ARG A 143 -27.97 -2.36 -10.47
N THR A 144 -26.87 -2.36 -11.25
CA THR A 144 -26.86 -1.69 -12.56
C THR A 144 -26.66 -2.71 -13.73
N ASP A 145 -26.67 -4.03 -13.42
CA ASP A 145 -26.42 -5.11 -14.39
C ASP A 145 -27.34 -5.11 -15.63
N PRO A 146 -28.70 -4.98 -15.57
CA PRO A 146 -29.50 -5.01 -16.81
C PRO A 146 -29.10 -3.94 -17.83
N ALA A 147 -28.88 -2.69 -17.38
CA ALA A 147 -28.46 -1.58 -18.26
C ALA A 147 -27.04 -1.80 -18.80
N ALA A 148 -26.14 -2.31 -17.95
CA ALA A 148 -24.76 -2.61 -18.29
C ALA A 148 -24.69 -3.70 -19.38
N SER A 149 -25.51 -4.76 -19.23
CA SER A 149 -25.63 -5.85 -20.22
C SER A 149 -26.11 -5.30 -21.57
N ASP A 150 -27.08 -4.37 -21.55
CA ASP A 150 -27.61 -3.71 -22.76
C ASP A 150 -26.51 -2.91 -23.45
N GLU A 151 -25.76 -2.11 -22.67
CA GLU A 151 -24.66 -1.29 -23.17
C GLU A 151 -23.57 -2.17 -23.82
N LEU A 152 -23.22 -3.28 -23.14
CA LEU A 152 -22.15 -4.19 -23.55
C LEU A 152 -22.62 -5.35 -24.44
N ARG A 153 -23.84 -5.26 -25.00
CA ARG A 153 -24.38 -6.29 -25.91
C ARG A 153 -23.40 -6.57 -27.09
N PRO A 154 -22.73 -5.60 -27.77
CA PRO A 154 -21.77 -6.00 -28.83
C PRO A 154 -20.60 -6.85 -28.31
N GLU A 155 -20.01 -6.46 -27.16
CA GLU A 155 -18.89 -7.17 -26.53
C GLU A 155 -19.30 -8.56 -26.01
N LEU A 156 -20.52 -8.66 -25.43
CA LEU A 156 -21.07 -9.91 -24.92
C LEU A 156 -21.42 -10.87 -26.07
N ARG A 157 -21.96 -10.35 -27.21
CA ARG A 157 -22.31 -11.17 -28.39
C ARG A 157 -21.05 -11.78 -29.04
N ALA A 158 -19.92 -11.05 -29.00
CA ALA A 158 -18.62 -11.51 -29.51
C ALA A 158 -18.11 -12.73 -28.70
N LEU A 159 -18.54 -12.81 -27.43
CA LEU A 159 -18.21 -13.90 -26.49
C LEU A 159 -19.32 -14.96 -26.47
N GLY A 160 -20.36 -14.76 -27.29
CA GLY A 160 -21.51 -15.64 -27.40
C GLY A 160 -22.42 -15.62 -26.19
N LEU A 161 -22.48 -14.47 -25.49
CA LEU A 161 -23.29 -14.25 -24.29
C LEU A 161 -24.49 -13.33 -24.55
N ASP A 162 -25.57 -13.51 -23.78
CA ASP A 162 -26.81 -12.73 -23.89
C ASP A 162 -26.87 -11.63 -22.81
N ARG A 163 -26.14 -11.84 -21.71
CA ARG A 163 -26.06 -10.92 -20.58
C ARG A 163 -24.68 -11.02 -19.95
N LEU A 164 -24.38 -10.15 -18.96
CA LEU A 164 -23.12 -10.21 -18.22
C LEU A 164 -22.95 -11.59 -17.61
N PRO A 165 -21.78 -12.23 -17.75
CA PRO A 165 -21.63 -13.58 -17.18
C PRO A 165 -21.64 -13.54 -15.67
N ASP A 166 -22.17 -14.60 -15.03
CA ASP A 166 -22.18 -14.71 -13.57
C ASP A 166 -20.75 -14.95 -13.08
N PRO A 167 -20.29 -14.34 -11.96
CA PRO A 167 -18.91 -14.60 -11.52
C PRO A 167 -18.76 -16.02 -11.00
N ALA A 168 -17.52 -16.56 -11.04
CA ALA A 168 -17.20 -17.87 -10.47
C ALA A 168 -17.31 -17.78 -8.93
N LEU A 169 -17.09 -16.56 -8.38
CA LEU A 169 -17.19 -16.26 -6.96
C LEU A 169 -17.63 -14.83 -6.71
N PHE A 170 -18.59 -14.65 -5.81
CA PHE A 170 -19.06 -13.34 -5.40
C PHE A 170 -18.55 -13.08 -3.98
N VAL A 171 -17.75 -12.02 -3.82
CA VAL A 171 -17.20 -11.64 -2.53
C VAL A 171 -17.98 -10.41 -2.06
N ASP A 172 -18.68 -10.57 -0.92
CA ASP A 172 -19.53 -9.52 -0.36
C ASP A 172 -19.01 -9.02 0.98
N ILE A 173 -19.17 -7.72 1.21
CA ILE A 173 -18.74 -6.99 2.39
C ILE A 173 -19.94 -6.41 3.17
N CYS A 174 -21.16 -6.55 2.63
CA CYS A 174 -22.37 -6.01 3.27
C CYS A 174 -22.67 -6.75 4.58
N PRO A 175 -22.73 -6.06 5.74
CA PRO A 175 -23.05 -6.76 7.00
C PRO A 175 -24.46 -7.38 6.98
N PRO A 176 -24.68 -8.53 7.69
CA PRO A 176 -26.00 -9.22 7.62
C PRO A 176 -27.25 -8.36 7.79
N SER A 177 -27.24 -7.41 8.74
CA SER A 177 -28.38 -6.53 9.03
C SER A 177 -28.74 -5.60 7.85
N LEU A 178 -27.83 -5.41 6.90
CA LEU A 178 -28.08 -4.53 5.74
C LEU A 178 -28.23 -5.31 4.41
N ARG A 179 -28.01 -6.64 4.43
CA ARG A 179 -28.15 -7.47 3.21
C ARG A 179 -29.63 -7.68 2.84
N PRO A 180 -30.03 -7.44 1.56
CA PRO A 180 -31.42 -7.69 1.18
C PRO A 180 -31.78 -9.18 1.18
N ALA A 181 -33.08 -9.51 1.27
CA ALA A 181 -33.59 -10.89 1.30
C ALA A 181 -33.24 -11.68 0.04
N ASP A 182 -33.19 -11.00 -1.15
CA ASP A 182 -32.89 -11.63 -2.43
C ASP A 182 -31.37 -11.65 -2.77
N ALA A 183 -30.49 -11.34 -1.78
CA ALA A 183 -29.04 -11.33 -2.00
C ALA A 183 -28.56 -12.76 -2.33
N PRO A 184 -27.71 -12.93 -3.39
CA PRO A 184 -27.27 -14.29 -3.74
C PRO A 184 -26.25 -14.83 -2.74
N PRO A 185 -25.98 -16.17 -2.69
CA PRO A 185 -24.94 -16.67 -1.78
C PRO A 185 -23.58 -16.04 -2.08
N ALA A 186 -22.76 -15.80 -1.05
CA ALA A 186 -21.47 -15.15 -1.26
C ALA A 186 -20.43 -15.61 -0.29
N GLN A 187 -19.17 -15.32 -0.64
CA GLN A 187 -18.04 -15.47 0.24
C GLN A 187 -18.02 -14.15 0.97
N MET A 188 -18.35 -14.15 2.27
CA MET A 188 -18.38 -12.88 3.00
C MET A 188 -16.94 -12.45 3.30
N MET A 189 -16.74 -11.13 3.47
CA MET A 189 -15.44 -10.55 3.79
C MET A 189 -15.60 -9.35 4.68
N ARG A 190 -14.67 -9.20 5.64
CA ARG A 190 -14.60 -8.03 6.49
C ARG A 190 -13.99 -6.89 5.69
N TRP A 191 -14.76 -5.82 5.48
CA TRP A 191 -14.25 -4.60 4.86
C TRP A 191 -13.29 -3.92 5.82
N VAL A 192 -12.17 -3.43 5.30
CA VAL A 192 -11.19 -2.67 6.07
C VAL A 192 -10.85 -1.43 5.23
N PRO A 193 -10.61 -0.25 5.86
CA PRO A 193 -10.28 0.92 5.03
C PRO A 193 -8.89 0.81 4.43
N ALA A 194 -8.71 1.38 3.23
CA ALA A 194 -7.46 1.39 2.49
C ALA A 194 -7.41 2.63 1.61
N ASN A 195 -7.77 3.76 2.21
CA ASN A 195 -7.88 5.04 1.50
C ASN A 195 -6.52 5.71 1.40
N GLY A 196 -6.43 6.72 0.52
CA GLY A 196 -5.24 7.53 0.28
C GLY A 196 -4.73 8.12 1.56
N GLN A 197 -3.41 8.04 1.76
CA GLN A 197 -2.77 8.49 2.97
C GLN A 197 -1.94 9.75 2.75
N ARG A 198 -1.71 10.48 3.83
CA ARG A 198 -0.84 11.64 3.84
C ARG A 198 -0.24 11.76 5.24
N ARG A 199 0.78 12.64 5.36
CA ARG A 199 1.46 12.94 6.61
C ARG A 199 0.41 13.32 7.66
N LEU A 200 0.38 12.58 8.77
CA LEU A 200 -0.61 12.88 9.80
C LEU A 200 -0.14 14.03 10.68
N GLU A 201 -1.08 14.92 11.00
CA GLU A 201 -0.90 16.02 11.93
C GLU A 201 -1.71 15.65 13.16
N PRO A 202 -1.29 16.05 14.40
CA PRO A 202 -2.03 15.62 15.61
C PRO A 202 -3.54 15.83 15.60
N TRP A 203 -4.06 16.93 14.99
CA TRP A 203 -5.51 17.21 14.95
C TRP A 203 -6.31 16.09 14.25
N MET A 204 -5.69 15.36 13.31
CA MET A 204 -6.35 14.29 12.54
C MET A 204 -6.70 13.08 13.41
N TYR A 205 -5.86 12.74 14.43
CA TYR A 205 -6.11 11.57 15.29
C TYR A 205 -6.44 11.95 16.73
N THR A 206 -6.61 13.24 17.03
CA THR A 206 -7.00 13.68 18.38
C THR A 206 -8.26 14.53 18.31
N LYS A 207 -9.25 14.15 19.12
CA LYS A 207 -10.52 14.88 19.24
C LYS A 207 -10.28 16.17 20.03
N GLY A 208 -11.05 17.21 19.71
CA GLY A 208 -10.98 18.49 20.41
C GLY A 208 -11.89 18.54 21.62
N ASN A 209 -12.13 19.76 22.13
CA ASN A 209 -12.97 19.98 23.31
C ASN A 209 -14.46 20.13 22.92
N ARG A 210 -14.75 20.11 21.62
CA ARG A 210 -16.11 20.23 21.06
C ARG A 210 -16.46 18.98 20.24
N PRO A 211 -17.77 18.69 19.96
CA PRO A 211 -18.09 17.57 19.03
C PRO A 211 -17.51 17.86 17.64
N ARG A 212 -17.07 16.82 16.91
CA ARG A 212 -16.45 17.02 15.60
C ARG A 212 -17.33 16.48 14.49
N ILE A 213 -17.61 17.32 13.48
CA ILE A 213 -18.42 16.95 12.33
C ILE A 213 -17.54 16.95 11.08
N LEU A 214 -17.44 15.80 10.43
CA LEU A 214 -16.71 15.68 9.17
C LEU A 214 -17.69 15.81 8.01
N VAL A 215 -17.33 16.64 7.04
CA VAL A 215 -18.12 16.93 5.86
C VAL A 215 -17.29 16.55 4.62
N THR A 216 -17.86 15.75 3.73
CA THR A 216 -17.17 15.32 2.51
C THR A 216 -18.16 15.12 1.36
N SER A 217 -17.66 15.16 0.10
CA SER A 217 -18.42 14.94 -1.13
C SER A 217 -17.72 13.88 -2.01
N GLY A 218 -16.82 13.13 -1.38
CA GLY A 218 -16.11 12.04 -2.04
C GLY A 218 -14.79 12.40 -2.69
N SER A 219 -14.28 11.46 -3.49
CA SER A 219 -12.97 11.51 -4.12
C SER A 219 -13.03 11.71 -5.65
N ARG A 220 -14.23 11.84 -6.23
CA ARG A 220 -14.43 12.08 -7.67
C ARG A 220 -14.31 13.59 -7.92
N LEU A 221 -13.25 14.01 -8.62
CA LEU A 221 -12.97 15.43 -8.91
C LEU A 221 -14.14 16.10 -9.66
N VAL A 222 -14.83 15.39 -10.57
CA VAL A 222 -15.95 15.93 -11.35
C VAL A 222 -17.13 16.34 -10.43
N PHE A 223 -17.34 15.64 -9.30
CA PHE A 223 -18.42 15.95 -8.37
C PHE A 223 -17.93 16.80 -7.20
N ALA A 224 -16.69 16.57 -6.72
CA ALA A 224 -16.09 17.34 -5.62
C ALA A 224 -15.88 18.81 -6.01
N LYS A 225 -15.58 19.10 -7.31
CA LYS A 225 -15.38 20.47 -7.86
C LYS A 225 -16.63 21.35 -7.67
N LYS A 226 -17.81 20.73 -7.51
CA LYS A 226 -19.07 21.42 -7.23
C LYS A 226 -19.07 21.76 -5.73
N THR A 227 -18.29 22.78 -5.35
CA THR A 227 -18.03 23.24 -3.98
C THR A 227 -19.30 23.78 -3.28
N GLY A 228 -20.33 24.12 -4.05
CA GLY A 228 -21.60 24.62 -3.55
C GLY A 228 -22.22 23.74 -2.48
N PHE A 229 -22.16 22.41 -2.70
CA PHE A 229 -22.65 21.41 -1.74
C PHE A 229 -21.90 21.49 -0.40
N LEU A 230 -20.55 21.57 -0.43
CA LEU A 230 -19.72 21.66 0.78
C LEU A 230 -19.89 22.98 1.50
N ARG A 231 -19.97 24.11 0.74
CA ARG A 231 -20.16 25.45 1.32
C ARG A 231 -21.55 25.54 1.98
N GLY A 232 -22.54 24.91 1.33
CA GLY A 232 -23.91 24.86 1.83
C GLY A 232 -24.02 24.15 3.16
N LEU A 233 -23.41 22.96 3.27
CA LEU A 233 -23.39 22.13 4.49
C LEU A 233 -22.70 22.84 5.66
N VAL A 234 -21.55 23.48 5.37
CA VAL A 234 -20.75 24.23 6.35
C VAL A 234 -21.58 25.41 6.88
N ALA A 235 -22.33 26.10 5.98
CA ALA A 235 -23.22 27.22 6.34
C ALA A 235 -24.36 26.76 7.25
N ASP A 236 -24.92 25.56 7.00
CA ASP A 236 -26.02 24.96 7.75
C ASP A 236 -25.64 24.49 9.16
N MET A 237 -24.33 24.38 9.46
CA MET A 237 -23.85 23.91 10.77
C MET A 237 -23.25 25.03 11.63
N ALA A 238 -23.33 26.30 11.16
CA ALA A 238 -22.81 27.51 11.81
C ALA A 238 -23.32 27.71 13.25
N ALA A 239 -24.61 27.43 13.53
CA ALA A 239 -25.22 27.61 14.85
C ALA A 239 -24.84 26.50 15.85
N LEU A 240 -24.39 25.33 15.35
CA LEU A 240 -24.02 24.19 16.18
C LEU A 240 -22.71 24.43 16.94
N ASP A 241 -22.66 24.00 18.21
CA ASP A 241 -21.48 24.05 19.05
C ASP A 241 -20.62 22.85 18.65
N ALA A 242 -19.95 22.95 17.47
CA ALA A 242 -19.17 21.87 16.89
C ALA A 242 -18.05 22.34 15.96
N GLU A 243 -16.94 21.58 15.99
CA GLU A 243 -15.79 21.78 15.09
C GLU A 243 -16.10 21.07 13.76
N VAL A 244 -15.98 21.80 12.62
CA VAL A 244 -16.26 21.22 11.30
C VAL A 244 -14.95 21.03 10.51
N VAL A 245 -14.77 19.81 9.98
CA VAL A 245 -13.64 19.41 9.16
C VAL A 245 -14.17 19.05 7.77
N ILE A 246 -13.61 19.66 6.72
CA ILE A 246 -13.98 19.37 5.33
C ILE A 246 -12.95 18.41 4.76
N ALA A 247 -13.36 17.18 4.45
CA ALA A 247 -12.49 16.18 3.83
C ALA A 247 -12.77 16.23 2.33
N THR A 248 -11.85 16.76 1.55
CA THR A 248 -12.05 16.90 0.09
C THR A 248 -10.71 16.80 -0.62
N LEU A 249 -10.73 16.78 -1.97
CA LEU A 249 -9.49 16.77 -2.73
C LEU A 249 -8.74 18.09 -2.49
N ASP A 250 -7.40 18.03 -2.39
CA ASP A 250 -6.57 19.20 -2.12
C ASP A 250 -6.77 20.33 -3.12
N GLU A 251 -6.90 20.00 -4.42
CA GLU A 251 -7.09 21.00 -5.49
C GLU A 251 -8.46 21.72 -5.29
N VAL A 252 -9.47 21.01 -4.76
CA VAL A 252 -10.81 21.53 -4.45
C VAL A 252 -10.72 22.40 -3.17
N ALA A 253 -9.90 21.96 -2.18
CA ALA A 253 -9.68 22.67 -0.91
C ALA A 253 -9.10 24.07 -1.15
N GLU A 254 -8.27 24.22 -2.22
CA GLU A 254 -7.62 25.49 -2.60
C GLU A 254 -8.65 26.59 -2.88
N GLU A 255 -9.77 26.21 -3.54
CA GLU A 255 -10.88 27.10 -3.89
C GLU A 255 -11.72 27.47 -2.68
N LEU A 256 -11.80 26.57 -1.67
CA LEU A 256 -12.60 26.77 -0.45
C LEU A 256 -11.95 27.80 0.50
N GLY A 262 -12.48 30.21 8.62
CA GLY A 262 -11.29 29.49 9.09
C GLY A 262 -11.55 28.02 9.26
N VAL A 263 -12.09 27.38 8.22
CA VAL A 263 -12.45 25.96 8.20
C VAL A 263 -11.33 25.14 7.52
N ARG A 264 -11.01 24.00 8.15
CA ARG A 264 -10.04 23.04 7.67
C ARG A 264 -10.61 22.30 6.48
N ALA A 265 -9.90 22.37 5.33
CA ALA A 265 -10.30 21.72 4.09
C ALA A 265 -9.07 21.08 3.42
N GLY A 266 -9.25 19.87 2.93
CA GLY A 266 -8.19 19.11 2.29
C GLY A 266 -8.31 17.63 2.52
N TRP A 267 -7.41 16.87 1.89
CA TRP A 267 -7.42 15.42 1.99
C TRP A 267 -7.00 15.02 3.38
N VAL A 268 -7.89 14.37 4.12
CA VAL A 268 -7.58 13.87 5.44
C VAL A 268 -7.90 12.35 5.38
N PRO A 269 -6.93 11.44 5.66
CA PRO A 269 -7.23 9.99 5.55
C PRO A 269 -8.40 9.64 6.43
N LEU A 270 -9.51 9.27 5.79
CA LEU A 270 -10.79 9.06 6.47
C LEU A 270 -10.73 8.02 7.60
N ASP A 271 -10.02 6.91 7.42
CA ASP A 271 -9.86 5.87 8.45
C ASP A 271 -9.24 6.42 9.76
N VAL A 272 -8.38 7.46 9.64
CA VAL A 272 -7.68 8.05 10.79
C VAL A 272 -8.60 9.06 11.53
N VAL A 273 -9.23 9.96 10.79
CA VAL A 273 -10.01 11.05 11.38
C VAL A 273 -11.44 10.63 11.81
N VAL A 274 -12.12 9.72 11.06
CA VAL A 274 -13.50 9.33 11.38
C VAL A 274 -13.67 8.85 12.90
N PRO A 275 -12.80 8.01 13.52
CA PRO A 275 -13.02 7.67 14.94
C PRO A 275 -12.98 8.85 15.92
N THR A 276 -12.51 10.06 15.48
CA THR A 276 -12.48 11.26 16.35
C THR A 276 -13.75 12.10 16.13
N CYS A 277 -14.59 11.71 15.16
CA CYS A 277 -15.80 12.45 14.81
C CYS A 277 -17.05 11.93 15.53
N ASP A 278 -18.02 12.84 15.71
CA ASP A 278 -19.34 12.55 16.27
C ASP A 278 -20.32 12.22 15.14
N VAL A 279 -20.13 12.87 13.97
CA VAL A 279 -20.96 12.70 12.77
C VAL A 279 -20.09 12.75 11.51
N VAL A 280 -20.45 11.96 10.50
CA VAL A 280 -19.84 11.96 9.17
C VAL A 280 -20.96 12.34 8.23
N VAL A 281 -20.82 13.49 7.57
CA VAL A 281 -21.82 14.01 6.65
C VAL A 281 -21.29 13.80 5.24
N HIS A 282 -22.06 13.05 4.39
CA HIS A 282 -21.61 12.85 3.02
C HIS A 282 -22.77 12.94 2.01
N HIS A 283 -22.39 12.88 0.73
CA HIS A 283 -23.15 12.99 -0.51
C HIS A 283 -23.83 11.68 -0.97
N ALA A 284 -23.85 10.65 -0.11
CA ALA A 284 -24.32 9.27 -0.39
C ALA A 284 -23.19 8.51 -1.15
N GLY A 285 -22.05 8.43 -0.49
CA GLY A 285 -20.86 7.72 -0.95
C GLY A 285 -20.73 6.45 -0.13
N GLY A 286 -20.80 5.32 -0.81
CA GLY A 286 -20.75 3.99 -0.20
C GLY A 286 -19.52 3.65 0.62
N VAL A 287 -18.34 4.10 0.21
CA VAL A 287 -17.09 3.78 0.93
C VAL A 287 -16.92 4.69 2.18
N THR A 288 -17.41 5.96 2.12
CA THR A 288 -17.42 6.87 3.28
C THR A 288 -18.41 6.29 4.29
N ALA A 289 -19.58 5.79 3.80
CA ALA A 289 -20.64 5.14 4.58
C ALA A 289 -20.04 3.96 5.36
N LEU A 290 -19.23 3.13 4.69
CA LEU A 290 -18.54 2.00 5.32
C LEU A 290 -17.50 2.46 6.34
N THR A 291 -16.75 3.56 6.03
CA THR A 291 -15.75 4.09 6.98
C THR A 291 -16.42 4.48 8.30
N ALA A 292 -17.57 5.19 8.24
CA ALA A 292 -18.37 5.64 9.41
C ALA A 292 -18.88 4.41 10.21
N MET A 293 -19.59 3.48 9.54
CA MET A 293 -20.15 2.22 10.10
C MET A 293 -19.10 1.43 10.83
N ASN A 294 -17.99 1.10 10.13
CA ASN A 294 -16.82 0.36 10.66
C ASN A 294 -16.25 1.01 11.93
N ALA A 295 -16.27 2.36 12.01
CA ALA A 295 -15.76 3.09 13.18
C ALA A 295 -16.84 3.27 14.27
N GLY A 296 -18.07 2.85 13.97
CA GLY A 296 -19.22 2.98 14.85
C GLY A 296 -19.67 4.42 15.01
N VAL A 297 -19.45 5.24 13.94
CA VAL A 297 -19.79 6.67 13.95
C VAL A 297 -21.13 6.91 13.21
N PRO A 298 -22.08 7.67 13.82
CA PRO A 298 -23.34 7.97 13.10
C PRO A 298 -23.07 8.83 11.87
N GLN A 299 -23.94 8.72 10.87
CA GLN A 299 -23.72 9.47 9.65
C GLN A 299 -24.99 10.16 9.14
N LEU A 300 -24.80 11.31 8.50
CA LEU A 300 -25.85 12.08 7.86
C LEU A 300 -25.62 11.93 6.38
N ILE A 301 -26.61 11.36 5.67
CA ILE A 301 -26.55 11.18 4.22
C ILE A 301 -27.39 12.29 3.58
N VAL A 302 -26.74 13.13 2.72
CA VAL A 302 -27.35 14.25 2.00
C VAL A 302 -27.20 13.90 0.50
N PRO A 303 -28.08 13.01 -0.06
CA PRO A 303 -27.87 12.50 -1.43
C PRO A 303 -27.71 13.53 -2.53
N GLN A 304 -26.61 13.38 -3.29
CA GLN A 304 -26.23 14.21 -4.45
C GLN A 304 -26.36 13.36 -5.71
N GLY A 305 -27.46 12.64 -5.81
CA GLY A 305 -27.70 11.71 -6.90
C GLY A 305 -26.88 10.45 -6.66
N GLY A 306 -26.54 9.76 -7.75
CA GLY A 306 -25.78 8.52 -7.66
C GLY A 306 -26.67 7.32 -7.45
N ASN A 307 -26.06 6.15 -7.22
CA ASN A 307 -26.80 4.89 -7.09
C ASN A 307 -26.59 4.21 -5.72
N PHE A 308 -26.10 4.95 -4.70
CA PHE A 308 -25.95 4.38 -3.35
C PHE A 308 -27.15 4.79 -2.46
N VAL A 309 -27.97 5.75 -2.95
CA VAL A 309 -29.12 6.31 -2.24
C VAL A 309 -29.99 5.21 -1.56
N GLU A 310 -30.39 4.15 -2.29
CA GLU A 310 -31.22 3.06 -1.75
C GLU A 310 -30.50 2.32 -0.59
N ALA A 311 -29.19 2.01 -0.76
CA ALA A 311 -28.39 1.33 0.26
C ALA A 311 -28.16 2.21 1.49
N GLY A 312 -28.06 3.53 1.28
CA GLY A 312 -27.93 4.51 2.35
C GLY A 312 -29.21 4.63 3.17
N LEU A 313 -30.37 4.37 2.53
CA LEU A 313 -31.69 4.38 3.17
C LEU A 313 -31.85 3.15 4.05
N ARG A 314 -31.17 2.02 3.72
CA ARG A 314 -31.16 0.81 4.53
C ARG A 314 -30.41 1.06 5.85
N ILE A 315 -29.30 1.86 5.81
CA ILE A 315 -28.52 2.25 6.99
C ILE A 315 -29.39 3.16 7.88
N SER A 316 -30.12 4.09 7.25
CA SER A 316 -31.05 5.03 7.90
C SER A 316 -32.24 4.28 8.54
N ASP A 317 -32.80 3.27 7.84
CA ASP A 317 -33.89 2.47 8.37
C ASP A 317 -33.41 1.58 9.51
N PHE A 318 -32.12 1.14 9.48
CA PHE A 318 -31.51 0.35 10.55
C PHE A 318 -31.33 1.26 11.80
N GLY A 319 -31.13 2.55 11.56
CA GLY A 319 -31.00 3.55 12.62
C GLY A 319 -29.58 4.00 12.93
N ALA A 320 -28.62 3.71 12.03
CA ALA A 320 -27.21 4.11 12.23
C ALA A 320 -26.89 5.35 11.42
N ALA A 321 -27.94 5.94 10.82
CA ALA A 321 -27.87 7.12 9.95
C ALA A 321 -29.20 7.84 9.83
N ILE A 322 -29.17 9.01 9.21
CA ILE A 322 -30.33 9.82 8.85
C ILE A 322 -30.11 10.24 7.40
N THR A 323 -31.13 10.08 6.53
CA THR A 323 -31.12 10.56 5.16
C THR A 323 -32.04 11.79 5.15
N VAL A 324 -31.50 12.94 4.73
CA VAL A 324 -32.27 14.19 4.62
C VAL A 324 -32.18 14.71 3.20
N ASP A 325 -32.95 15.76 2.92
CA ASP A 325 -32.97 16.49 1.66
C ASP A 325 -31.99 17.66 1.78
N GLU A 326 -31.15 17.87 0.75
CA GLU A 326 -30.20 18.97 0.71
C GLU A 326 -30.95 20.31 0.67
N ASN A 327 -32.12 20.32 0.04
CA ASN A 327 -32.87 21.54 -0.11
C ASN A 327 -34.22 21.54 0.64
N THR A 328 -34.12 21.32 1.96
CA THR A 328 -35.11 21.48 3.00
C THR A 328 -34.38 22.30 4.04
N PRO A 329 -34.73 23.60 4.19
CA PRO A 329 -34.01 24.43 5.17
C PRO A 329 -34.09 23.87 6.58
N GLU A 330 -32.97 24.01 7.34
CA GLU A 330 -32.78 23.59 8.74
C GLU A 330 -32.76 22.03 8.93
N ALA A 331 -32.91 21.22 7.85
CA ALA A 331 -32.93 19.76 7.94
C ALA A 331 -31.53 19.19 8.31
N VAL A 332 -30.45 19.75 7.73
CA VAL A 332 -29.07 19.35 8.01
C VAL A 332 -28.73 19.68 9.49
N GLU A 333 -29.11 20.89 9.96
CA GLU A 333 -28.87 21.38 11.34
C GLU A 333 -29.55 20.47 12.37
N LYS A 334 -30.86 20.18 12.16
CA LYS A 334 -31.69 19.35 13.03
C LYS A 334 -31.16 17.93 13.12
N ALA A 335 -30.85 17.30 11.96
CA ALA A 335 -30.33 15.93 11.86
C ALA A 335 -28.96 15.77 12.54
N CYS A 336 -28.05 16.76 12.37
CA CYS A 336 -26.73 16.73 13.05
C CYS A 336 -26.90 16.73 14.58
N GLY A 337 -27.80 17.57 15.10
CA GLY A 337 -28.10 17.68 16.52
C GLY A 337 -28.62 16.38 17.10
N GLU A 338 -29.52 15.71 16.36
CA GLU A 338 -30.15 14.43 16.67
C GLU A 338 -29.10 13.28 16.61
N LEU A 339 -28.16 13.30 15.66
CA LEU A 339 -27.11 12.27 15.54
C LEU A 339 -26.08 12.38 16.66
N ILE A 340 -25.78 13.60 17.12
CA ILE A 340 -24.86 13.87 18.24
C ILE A 340 -25.58 13.58 19.59
N GLY A 341 -26.77 14.14 19.76
CA GLY A 341 -27.56 14.06 20.99
C GLY A 341 -28.30 12.78 21.31
N ASN A 342 -28.85 12.08 20.30
CA ASN A 342 -29.59 10.82 20.54
C ASN A 342 -28.59 9.65 20.47
N PRO A 343 -28.36 8.93 21.61
CA PRO A 343 -27.33 7.86 21.60
C PRO A 343 -27.63 6.63 20.74
N SER A 344 -28.91 6.43 20.33
CA SER A 344 -29.38 5.29 19.53
C SER A 344 -28.69 5.16 18.16
N TYR A 345 -28.30 6.28 17.53
CA TYR A 345 -27.62 6.28 16.23
C TYR A 345 -26.22 5.69 16.33
N ALA A 346 -25.43 6.10 17.32
CA ALA A 346 -24.10 5.59 17.58
C ALA A 346 -24.17 4.11 18.02
N GLU A 347 -25.24 3.71 18.79
CA GLU A 347 -25.46 2.33 19.23
C GLU A 347 -25.70 1.40 18.04
N ARG A 348 -26.52 1.83 17.05
CA ARG A 348 -26.76 1.08 15.81
C ARG A 348 -25.50 1.05 14.92
N ALA A 349 -24.72 2.15 14.87
CA ALA A 349 -23.49 2.21 14.09
C ALA A 349 -22.43 1.26 14.66
N ARG A 350 -22.37 1.14 16.01
CA ARG A 350 -21.45 0.23 16.73
C ARG A 350 -21.85 -1.24 16.50
N GLU A 351 -23.16 -1.48 16.35
CA GLU A 351 -23.75 -2.79 16.04
C GLU A 351 -23.28 -3.23 14.64
N LEU A 352 -23.28 -2.28 13.68
CA LEU A 352 -22.83 -2.52 12.31
C LEU A 352 -21.31 -2.73 12.26
N SER A 353 -20.57 -2.01 13.12
CA SER A 353 -19.13 -2.16 13.28
C SER A 353 -18.81 -3.60 13.76
N ALA A 354 -19.55 -4.12 14.76
CA ALA A 354 -19.36 -5.46 15.32
C ALA A 354 -19.69 -6.56 14.28
N GLU A 355 -20.70 -6.32 13.44
CA GLU A 355 -21.10 -7.24 12.35
C GLU A 355 -20.00 -7.35 11.29
N ILE A 356 -19.41 -6.20 10.91
CA ILE A 356 -18.32 -6.12 9.93
C ILE A 356 -17.10 -6.87 10.48
N ALA A 357 -16.77 -6.66 11.78
CA ALA A 357 -15.62 -7.24 12.47
C ALA A 357 -15.68 -8.78 12.57
N ALA A 358 -16.89 -9.35 12.56
CA ALA A 358 -17.12 -10.80 12.66
C ALA A 358 -17.04 -11.51 11.29
N LEU A 359 -16.91 -10.75 10.18
CA LEU A 359 -16.87 -11.37 8.85
C LEU A 359 -15.46 -11.91 8.50
N PRO A 360 -15.31 -12.89 7.57
CA PRO A 360 -13.96 -13.42 7.27
C PRO A 360 -12.97 -12.36 6.81
N LEU A 361 -11.74 -12.45 7.28
CA LEU A 361 -10.67 -11.50 6.97
C LEU A 361 -10.24 -11.60 5.51
N PRO A 362 -9.80 -10.46 4.92
CA PRO A 362 -9.27 -10.52 3.53
C PRO A 362 -8.19 -11.62 3.37
N ALA A 363 -7.34 -11.85 4.40
CA ALA A 363 -6.29 -12.89 4.40
C ALA A 363 -6.89 -14.30 4.22
N GLU A 364 -8.06 -14.57 4.83
CA GLU A 364 -8.77 -15.85 4.72
C GLU A 364 -9.43 -15.98 3.38
N VAL A 365 -9.96 -14.85 2.83
CA VAL A 365 -10.64 -14.80 1.51
C VAL A 365 -9.64 -15.11 0.37
N VAL A 366 -8.32 -14.87 0.58
CA VAL A 366 -7.27 -15.22 -0.40
C VAL A 366 -7.34 -16.73 -0.70
N GLY A 367 -7.59 -17.54 0.35
CA GLY A 367 -7.79 -18.99 0.27
C GLY A 367 -8.95 -19.36 -0.64
N ALA A 368 -10.02 -18.54 -0.65
CA ALA A 368 -11.17 -18.78 -1.53
C ALA A 368 -10.80 -18.49 -3.00
N LEU A 369 -9.93 -17.48 -3.23
CA LEU A 369 -9.42 -17.15 -4.58
C LEU A 369 -8.55 -18.29 -5.10
N GLU A 370 -7.71 -18.87 -4.22
CA GLU A 370 -6.81 -19.99 -4.54
C GLU A 370 -7.59 -21.28 -4.88
N GLY A 371 -8.71 -21.50 -4.17
CA GLY A 371 -9.59 -22.64 -4.40
C GLY A 371 -10.22 -22.68 -5.79
N LEU A 372 -10.39 -21.49 -6.43
CA LEU A 372 -10.98 -21.33 -7.76
C LEU A 372 -10.03 -21.79 -8.89
N VAL A 373 -8.71 -21.84 -8.62
CA VAL A 373 -7.68 -22.26 -9.58
C VAL A 373 -6.81 -23.34 -8.92
N MET B 1 -6.17 -3.75 17.79
CA MET B 1 -5.29 -2.97 18.65
C MET B 1 -4.56 -1.86 17.86
N LYS B 2 -3.89 -0.95 18.59
CA LYS B 2 -3.09 0.11 17.98
C LYS B 2 -1.63 -0.36 17.86
N ILE B 3 -1.11 -0.44 16.63
CA ILE B 3 0.27 -0.87 16.40
C ILE B 3 1.05 0.27 15.76
N LEU B 4 2.18 0.65 16.39
CA LEU B 4 3.08 1.65 15.83
C LEU B 4 4.26 0.93 15.20
N PHE B 5 4.44 1.12 13.88
CA PHE B 5 5.59 0.61 13.14
C PHE B 5 6.61 1.73 13.04
N VAL B 6 7.88 1.41 13.22
CA VAL B 6 8.93 2.42 13.13
C VAL B 6 9.91 2.02 12.04
N ALA B 7 9.88 2.73 10.90
CA ALA B 7 10.83 2.53 9.82
C ALA B 7 12.06 3.42 10.10
N ALA B 8 12.93 3.69 9.13
CA ALA B 8 14.13 4.49 9.42
C ALA B 8 14.21 5.70 8.50
N GLY B 9 15.30 5.84 7.77
CA GLY B 9 15.49 6.99 6.89
C GLY B 9 15.65 6.69 5.42
N SER B 10 15.42 5.43 5.04
CA SER B 10 15.56 4.96 3.65
C SER B 10 14.28 4.30 3.15
N PRO B 11 13.92 4.43 1.84
CA PRO B 11 12.68 3.80 1.33
C PRO B 11 12.63 2.29 1.57
N ALA B 12 13.78 1.59 1.48
CA ALA B 12 13.92 0.14 1.70
C ALA B 12 13.47 -0.27 3.09
N THR B 13 13.64 0.61 4.11
CA THR B 13 13.25 0.31 5.49
C THR B 13 11.71 0.39 5.62
N VAL B 14 11.05 1.25 4.82
CA VAL B 14 9.60 1.36 4.77
C VAL B 14 9.06 0.08 4.09
N PHE B 15 9.67 -0.31 2.96
CA PHE B 15 9.28 -1.47 2.14
C PHE B 15 9.40 -2.78 2.93
N ALA B 16 10.42 -2.90 3.77
CA ALA B 16 10.68 -4.09 4.58
C ALA B 16 9.62 -4.32 5.66
N LEU B 17 8.96 -3.26 6.12
CA LEU B 17 7.93 -3.37 7.15
C LEU B 17 6.49 -3.31 6.60
N ALA B 18 6.30 -2.83 5.35
CA ALA B 18 4.99 -2.66 4.72
C ALA B 18 4.18 -3.99 4.64
N PRO B 19 4.75 -5.20 4.35
CA PRO B 19 3.89 -6.41 4.33
C PRO B 19 3.23 -6.72 5.68
N LEU B 20 3.99 -6.65 6.78
CA LEU B 20 3.45 -6.93 8.13
C LEU B 20 2.50 -5.82 8.60
N ALA B 21 2.79 -4.55 8.24
CA ALA B 21 1.93 -3.42 8.61
C ALA B 21 0.58 -3.51 7.88
N THR B 22 0.61 -3.84 6.56
CA THR B 22 -0.62 -3.98 5.76
C THR B 22 -1.38 -5.23 6.18
N ALA B 23 -0.66 -6.34 6.55
CA ALA B 23 -1.32 -7.56 7.04
C ALA B 23 -2.06 -7.28 8.34
N ALA B 24 -1.43 -6.47 9.26
CA ALA B 24 -2.06 -6.08 10.52
C ALA B 24 -3.27 -5.16 10.26
N ARG B 25 -3.17 -4.20 9.30
CA ARG B 25 -4.29 -3.33 8.92
C ARG B 25 -5.42 -4.19 8.30
N ASN B 26 -5.05 -5.21 7.49
CA ASN B 26 -6.01 -6.13 6.86
C ASN B 26 -6.73 -7.04 7.86
N ALA B 27 -6.17 -7.14 9.09
CA ALA B 27 -6.74 -7.94 10.18
C ALA B 27 -7.61 -7.05 11.11
N GLY B 28 -7.79 -5.78 10.74
CA GLY B 28 -8.63 -4.85 11.48
C GLY B 28 -7.94 -4.03 12.55
N HIS B 29 -6.59 -4.11 12.60
CA HIS B 29 -5.80 -3.32 13.56
C HIS B 29 -5.62 -1.88 13.06
N ASP B 30 -5.40 -0.96 14.01
CA ASP B 30 -5.14 0.47 13.74
C ASP B 30 -3.63 0.62 13.68
N VAL B 31 -3.12 0.87 12.47
CA VAL B 31 -1.68 0.91 12.24
C VAL B 31 -1.21 2.29 11.79
N PHE B 32 -0.14 2.79 12.43
CA PHE B 32 0.62 3.98 12.08
C PHE B 32 2.06 3.56 11.86
N MET B 33 2.75 4.20 10.90
CA MET B 33 4.16 3.95 10.68
C MET B 33 4.92 5.28 10.71
N GLY B 34 6.00 5.30 11.47
CA GLY B 34 6.87 6.45 11.61
C GLY B 34 8.19 6.28 10.88
N ALA B 35 8.72 7.38 10.36
CA ALA B 35 10.03 7.47 9.71
C ALA B 35 10.43 8.92 9.60
N VAL B 36 11.67 9.20 9.18
CA VAL B 36 12.14 10.59 9.01
C VAL B 36 11.18 11.30 8.01
N GLU B 37 10.98 12.60 8.18
CA GLU B 37 10.13 13.44 7.33
C GLU B 37 10.27 13.11 5.83
N ASP B 38 11.53 12.96 5.31
CA ASP B 38 11.80 12.65 3.91
C ASP B 38 11.19 11.31 3.46
N MET B 39 10.99 10.37 4.40
CA MET B 39 10.44 9.06 4.11
C MET B 39 8.92 9.00 4.25
N VAL B 40 8.31 10.03 4.87
CA VAL B 40 6.85 10.07 5.06
C VAL B 40 6.11 9.80 3.71
N PRO B 41 6.46 10.39 2.52
CA PRO B 41 5.69 10.07 1.29
C PRO B 41 5.79 8.60 0.89
N TYR B 42 6.89 7.91 1.23
CA TYR B 42 7.08 6.48 0.96
C TYR B 42 6.13 5.63 1.81
N ILE B 43 5.91 6.00 3.09
CA ILE B 43 4.95 5.30 3.97
C ILE B 43 3.54 5.48 3.42
N ALA B 44 3.18 6.74 3.07
CA ALA B 44 1.86 7.08 2.54
C ALA B 44 1.59 6.36 1.23
N SER B 45 2.62 6.23 0.36
CA SER B 45 2.51 5.55 -0.93
C SER B 45 2.55 4.02 -0.80
N ALA B 46 2.67 3.51 0.45
CA ALA B 46 2.59 2.09 0.78
C ALA B 46 1.19 1.80 1.35
N GLY B 47 0.37 2.85 1.42
CA GLY B 47 -1.01 2.81 1.89
C GLY B 47 -1.14 2.75 3.41
N ILE B 48 -0.14 3.30 4.14
CA ILE B 48 -0.13 3.25 5.60
C ILE B 48 -0.15 4.69 6.19
N PRO B 49 -0.99 4.96 7.24
CA PRO B 49 -0.95 6.29 7.89
C PRO B 49 0.48 6.62 8.34
N ALA B 50 1.00 7.79 7.91
CA ALA B 50 2.39 8.19 8.12
C ALA B 50 2.60 9.34 9.10
N VAL B 51 3.53 9.11 10.04
CA VAL B 51 3.94 10.13 11.01
C VAL B 51 5.44 10.40 10.82
N ALA B 52 5.86 11.67 10.97
CA ALA B 52 7.29 12.05 10.85
C ALA B 52 7.96 11.89 12.21
N THR B 53 9.16 11.30 12.26
CA THR B 53 9.84 11.09 13.56
C THR B 53 10.91 12.17 13.84
N THR B 54 11.42 12.80 12.78
CA THR B 54 12.44 13.85 12.79
C THR B 54 12.39 14.54 11.43
N ASP B 55 12.80 15.81 11.38
CA ASP B 55 12.83 16.59 10.15
C ASP B 55 14.20 16.47 9.44
N LEU B 56 15.15 15.73 10.06
CA LEU B 56 16.51 15.59 9.53
C LEU B 56 16.69 14.34 8.64
N PRO B 57 17.48 14.46 7.54
CA PRO B 57 17.73 13.28 6.67
C PRO B 57 18.86 12.40 7.20
N ILE B 58 19.04 11.20 6.62
CA ILE B 58 20.08 10.26 7.06
C ILE B 58 21.51 10.83 6.92
N ARG B 59 21.72 11.75 5.94
CA ARG B 59 23.00 12.44 5.74
C ARG B 59 23.42 13.21 7.01
N HIS B 60 22.46 13.87 7.69
CA HIS B 60 22.74 14.59 8.93
C HIS B 60 23.28 13.64 9.99
N PHE B 61 22.62 12.47 10.15
CA PHE B 61 22.99 11.49 11.17
C PHE B 61 24.28 10.74 10.81
N ILE B 62 24.55 10.51 9.52
CA ILE B 62 25.74 9.80 9.01
C ILE B 62 27.03 10.66 9.19
N THR B 63 26.98 11.96 8.86
CA THR B 63 28.17 12.81 8.82
C THR B 63 28.51 13.59 10.10
N MET B 64 27.55 13.73 11.04
CA MET B 64 27.85 14.48 12.26
C MET B 64 27.45 13.74 13.51
N ASP B 65 28.24 13.89 14.59
CA ASP B 65 27.86 13.32 15.87
C ASP B 65 26.87 14.28 16.56
N ARG B 66 26.39 13.95 17.77
CA ARG B 66 25.42 14.75 18.52
C ARG B 66 25.93 16.16 18.83
N GLU B 67 27.26 16.32 18.98
CA GLU B 67 27.91 17.60 19.27
C GLU B 67 28.21 18.39 17.99
N GLY B 68 27.87 17.83 16.82
CA GLY B 68 28.07 18.47 15.54
C GLY B 68 29.45 18.29 14.93
N ASN B 69 30.27 17.43 15.55
CA ASN B 69 31.62 17.15 15.06
C ASN B 69 31.58 16.22 13.84
N PRO B 70 32.46 16.43 12.83
CA PRO B 70 32.47 15.52 11.67
C PRO B 70 32.83 14.08 12.08
N VAL B 71 32.13 13.12 11.47
CA VAL B 71 32.33 11.69 11.70
C VAL B 71 33.12 11.16 10.51
N ARG B 72 34.26 10.46 10.76
CA ARG B 72 35.03 9.93 9.63
C ARG B 72 34.34 8.66 9.13
N MET B 73 34.28 8.52 7.79
CA MET B 73 33.65 7.38 7.13
C MET B 73 34.46 6.09 7.38
N PRO B 74 33.81 4.91 7.47
CA PRO B 74 34.58 3.68 7.72
C PRO B 74 35.38 3.21 6.50
N GLU B 75 36.37 2.33 6.75
CA GLU B 75 37.23 1.77 5.71
C GLU B 75 37.09 0.26 5.61
N THR B 76 37.00 -0.42 6.76
CA THR B 76 36.91 -1.88 6.85
C THR B 76 35.49 -2.35 7.19
N PRO B 77 35.12 -3.62 6.89
CA PRO B 77 33.76 -4.09 7.23
C PRO B 77 33.46 -4.11 8.73
N GLU B 78 34.52 -4.26 9.56
CA GLU B 78 34.40 -4.28 11.02
C GLU B 78 34.05 -2.87 11.51
N GLU B 79 34.68 -1.85 10.88
CA GLU B 79 34.42 -0.44 11.14
C GLU B 79 32.98 -0.07 10.76
N GLU B 80 32.45 -0.65 9.67
CA GLU B 80 31.09 -0.43 9.13
C GLU B 80 30.00 -0.71 10.17
N LEU B 81 30.13 -1.78 10.95
CA LEU B 81 29.15 -2.17 11.97
C LEU B 81 29.05 -1.14 13.10
N ASP B 82 30.23 -0.66 13.57
CA ASP B 82 30.32 0.36 14.61
C ASP B 82 29.82 1.71 14.11
N PHE B 83 30.18 2.11 12.86
CA PHE B 83 29.76 3.36 12.21
C PHE B 83 28.22 3.40 12.07
N ALA B 84 27.61 2.29 11.60
CA ALA B 84 26.18 2.13 11.42
C ALA B 84 25.42 2.18 12.77
N GLY B 85 25.89 1.45 13.78
CA GLY B 85 25.30 1.46 15.11
C GLY B 85 25.24 2.86 15.72
N HIS B 86 26.32 3.63 15.56
CA HIS B 86 26.40 5.00 16.04
C HIS B 86 25.51 5.95 15.24
N TRP B 87 25.45 5.87 13.89
CA TRP B 87 24.61 6.81 13.15
C TRP B 87 23.12 6.41 13.24
N PHE B 88 22.78 5.09 13.28
CA PHE B 88 21.38 4.66 13.47
C PHE B 88 20.93 5.03 14.88
N GLY B 89 21.89 4.98 15.83
CA GLY B 89 21.69 5.36 17.24
C GLY B 89 21.36 6.83 17.36
N ARG B 90 22.07 7.68 16.58
CA ARG B 90 21.84 9.13 16.56
C ARG B 90 20.48 9.46 15.94
N MET B 91 20.09 8.75 14.85
CA MET B 91 18.79 8.94 14.21
C MET B 91 17.67 8.59 15.21
N ALA B 92 17.83 7.46 15.96
CA ALA B 92 16.89 7.02 17.00
C ALA B 92 16.75 8.08 18.11
N ALA B 93 17.88 8.63 18.60
CA ALA B 93 17.89 9.67 19.63
C ALA B 93 17.18 10.93 19.13
N GLY B 94 17.36 11.27 17.86
CA GLY B 94 16.74 12.44 17.23
C GLY B 94 15.26 12.26 16.92
N SER B 95 14.76 11.02 17.07
CA SER B 95 13.37 10.63 16.78
C SER B 95 12.42 10.61 18.01
N MET B 96 12.99 10.64 19.21
CA MET B 96 12.24 10.51 20.47
C MET B 96 11.21 11.62 20.79
N ASP B 97 11.53 12.91 20.58
CA ASP B 97 10.58 13.99 20.88
C ASP B 97 9.28 13.83 20.05
N ALA B 98 9.40 13.59 18.71
CA ALA B 98 8.22 13.42 17.86
C ALA B 98 7.44 12.14 18.22
N LEU B 99 8.15 11.04 18.55
CA LEU B 99 7.48 9.79 18.91
C LEU B 99 6.74 9.93 20.24
N ARG B 100 7.27 10.73 21.19
CA ARG B 100 6.61 11.02 22.48
C ARG B 100 5.34 11.86 22.26
N GLU B 101 5.38 12.85 21.34
CA GLU B 101 4.25 13.71 21.00
C GLU B 101 3.12 12.87 20.36
N VAL B 102 3.48 11.97 19.44
CA VAL B 102 2.51 11.09 18.76
C VAL B 102 1.88 10.10 19.75
N THR B 103 2.70 9.36 20.50
CA THR B 103 2.20 8.30 21.38
C THR B 103 1.50 8.84 22.65
N ALA B 104 1.60 10.15 22.93
CA ALA B 104 0.87 10.77 24.04
C ALA B 104 -0.59 10.96 23.64
N ASN B 105 -0.84 11.15 22.34
CA ASN B 105 -2.15 11.38 21.74
C ASN B 105 -2.78 10.11 21.13
N TRP B 106 -1.95 9.20 20.63
CA TRP B 106 -2.34 7.91 20.04
C TRP B 106 -1.45 6.86 20.69
N ARG B 107 -1.92 6.26 21.80
CA ARG B 107 -1.10 5.32 22.54
C ARG B 107 -1.13 3.91 21.92
N PRO B 108 0.01 3.43 21.35
CA PRO B 108 -0.01 2.08 20.78
C PRO B 108 0.01 1.00 21.88
N ASP B 109 -0.54 -0.17 21.55
CA ASP B 109 -0.56 -1.34 22.42
C ASP B 109 0.69 -2.19 22.16
N LEU B 110 1.36 -1.92 21.01
CA LEU B 110 2.52 -2.67 20.53
C LEU B 110 3.35 -1.81 19.58
N VAL B 111 4.68 -1.97 19.63
CA VAL B 111 5.60 -1.24 18.78
C VAL B 111 6.41 -2.25 17.96
N VAL B 112 6.44 -2.08 16.64
CA VAL B 112 7.21 -2.94 15.73
C VAL B 112 8.28 -2.09 15.04
N GLY B 113 9.53 -2.51 15.18
CA GLY B 113 10.63 -1.81 14.55
C GLY B 113 11.39 -2.72 13.61
N GLY B 114 12.10 -2.09 12.67
CA GLY B 114 13.00 -2.75 11.74
C GLY B 114 14.31 -3.08 12.46
N SER B 115 15.23 -3.77 11.79
CA SER B 115 16.52 -4.18 12.35
C SER B 115 17.21 -3.06 13.17
N MET B 116 17.43 -1.85 12.57
CA MET B 116 18.14 -0.80 13.33
C MET B 116 17.28 0.46 13.65
N SER B 117 15.97 0.28 13.83
CA SER B 117 15.00 1.31 14.22
C SER B 117 14.97 1.32 15.75
N PHE B 118 16.10 1.67 16.37
CA PHE B 118 16.31 1.63 17.83
C PHE B 118 15.32 2.49 18.63
N ALA B 119 14.74 3.56 18.01
CA ALA B 119 13.72 4.40 18.67
C ALA B 119 12.47 3.58 19.02
N ALA B 120 12.22 2.47 18.28
CA ALA B 120 11.10 1.56 18.56
C ALA B 120 11.29 0.88 19.89
N ALA B 121 12.56 0.45 20.20
CA ALA B 121 12.93 -0.18 21.47
C ALA B 121 12.75 0.78 22.65
N LEU B 122 13.14 2.08 22.48
CA LEU B 122 13.06 3.12 23.52
C LEU B 122 11.64 3.60 23.76
N ILE B 123 10.86 3.82 22.67
CA ILE B 123 9.50 4.30 22.86
C ILE B 123 8.62 3.20 23.50
N ALA B 124 8.89 1.90 23.19
CA ALA B 124 8.13 0.79 23.76
C ALA B 124 8.42 0.63 25.25
N ALA B 125 9.72 0.81 25.65
CA ALA B 125 10.15 0.74 27.06
C ALA B 125 9.52 1.86 27.88
N GLU B 126 9.45 3.10 27.30
CA GLU B 126 8.86 4.29 27.93
C GLU B 126 7.37 4.12 28.15
N LEU B 127 6.67 3.57 27.14
CA LEU B 127 5.22 3.31 27.17
C LEU B 127 4.89 2.09 28.03
N GLY B 128 5.85 1.17 28.18
CA GLY B 128 5.65 -0.07 28.91
C GLY B 128 4.78 -1.04 28.12
N VAL B 129 5.01 -1.10 26.78
CA VAL B 129 4.29 -1.98 25.86
C VAL B 129 5.30 -2.91 25.16
N PRO B 130 4.88 -4.12 24.67
CA PRO B 130 5.83 -5.01 24.01
C PRO B 130 6.46 -4.41 22.75
N TYR B 131 7.73 -4.77 22.54
CA TYR B 131 8.55 -4.32 21.44
C TYR B 131 8.85 -5.50 20.53
N VAL B 132 8.50 -5.36 19.25
CA VAL B 132 8.74 -6.39 18.24
C VAL B 132 9.83 -5.90 17.34
N ARG B 133 10.87 -6.73 17.16
CA ARG B 133 11.95 -6.40 16.26
C ARG B 133 11.79 -7.26 15.01
N GLN B 134 11.65 -6.63 13.86
CA GLN B 134 11.51 -7.37 12.61
C GLN B 134 12.77 -7.18 11.76
N ALA B 135 13.43 -8.30 11.36
CA ALA B 135 14.62 -8.20 10.48
C ALA B 135 14.19 -7.59 9.17
N TRP B 136 14.95 -6.60 8.67
CA TRP B 136 14.58 -5.94 7.41
C TRP B 136 15.44 -6.44 6.22
N ASP B 137 16.36 -7.40 6.47
CA ASP B 137 17.16 -8.09 5.45
C ASP B 137 17.63 -9.43 6.03
N THR B 138 18.37 -10.24 5.26
CA THR B 138 18.84 -11.56 5.69
C THR B 138 20.12 -11.45 6.54
N GLY B 139 20.62 -10.23 6.71
CA GLY B 139 21.76 -9.97 7.58
C GLY B 139 21.33 -10.02 9.03
N ASP B 140 22.28 -10.27 9.93
CA ASP B 140 22.03 -10.36 11.36
C ASP B 140 21.44 -9.03 11.87
N ALA B 141 20.18 -9.07 12.35
CA ALA B 141 19.47 -7.86 12.81
C ALA B 141 20.19 -7.14 13.96
N TRP B 142 20.91 -7.91 14.78
CA TRP B 142 21.66 -7.47 15.96
C TRP B 142 23.12 -7.05 15.65
N ARG B 143 23.53 -7.02 14.35
CA ARG B 143 24.93 -6.79 13.94
C ARG B 143 25.54 -5.42 14.36
N THR B 144 24.71 -4.39 14.66
CA THR B 144 25.24 -3.06 15.05
C THR B 144 24.85 -2.67 16.49
N ASP B 145 24.23 -3.62 17.25
CA ASP B 145 23.72 -3.43 18.61
C ASP B 145 24.76 -2.90 19.65
N PRO B 146 26.01 -3.44 19.77
CA PRO B 146 26.93 -2.90 20.80
C PRO B 146 27.23 -1.40 20.64
N ALA B 147 27.51 -0.93 19.41
CA ALA B 147 27.79 0.48 19.13
C ALA B 147 26.53 1.36 19.30
N ALA B 148 25.34 0.81 18.94
CA ALA B 148 24.05 1.46 19.08
C ALA B 148 23.71 1.67 20.55
N SER B 149 23.95 0.64 21.39
CA SER B 149 23.75 0.70 22.84
C SER B 149 24.63 1.78 23.46
N ASP B 150 25.90 1.89 23.02
CA ASP B 150 26.84 2.89 23.50
C ASP B 150 26.32 4.29 23.15
N GLU B 151 25.91 4.49 21.90
CA GLU B 151 25.37 5.75 21.40
C GLU B 151 24.13 6.20 22.20
N LEU B 152 23.22 5.25 22.47
CA LEU B 152 21.96 5.50 23.18
C LEU B 152 22.08 5.31 24.71
N ARG B 153 23.32 5.33 25.27
CA ARG B 153 23.52 5.19 26.72
C ARG B 153 22.75 6.27 27.52
N PRO B 154 22.71 7.59 27.14
CA PRO B 154 21.90 8.55 27.94
C PRO B 154 20.40 8.20 27.97
N GLU B 155 19.83 7.81 26.82
CA GLU B 155 18.42 7.42 26.69
C GLU B 155 18.13 6.11 27.44
N LEU B 156 19.06 5.14 27.37
CA LEU B 156 18.93 3.85 28.04
C LEU B 156 19.08 4.00 29.56
N ARG B 157 19.98 4.89 30.03
CA ARG B 157 20.20 5.15 31.45
C ARG B 157 18.94 5.73 32.09
N ALA B 158 18.23 6.63 31.36
CA ALA B 158 16.99 7.28 31.79
C ALA B 158 15.87 6.25 32.04
N LEU B 159 15.97 5.10 31.33
CA LEU B 159 15.04 3.96 31.43
C LEU B 159 15.58 2.89 32.38
N GLY B 160 16.75 3.17 32.99
CA GLY B 160 17.43 2.28 33.93
C GLY B 160 18.00 1.04 33.28
N LEU B 161 18.40 1.15 31.98
CA LEU B 161 18.98 0.07 31.19
C LEU B 161 20.48 0.28 30.93
N ASP B 162 21.22 -0.82 30.77
CA ASP B 162 22.68 -0.83 30.52
C ASP B 162 22.98 -1.01 29.03
N ARG B 163 22.04 -1.62 28.30
CA ARG B 163 22.13 -1.90 26.87
C ARG B 163 20.73 -1.85 26.25
N LEU B 164 20.65 -1.98 24.91
CA LEU B 164 19.37 -2.03 24.21
C LEU B 164 18.53 -3.15 24.80
N PRO B 165 17.25 -2.91 25.10
CA PRO B 165 16.44 -4.03 25.67
C PRO B 165 16.20 -5.08 24.61
N ASP B 166 16.13 -6.36 25.04
CA ASP B 166 15.82 -7.47 24.13
C ASP B 166 14.36 -7.34 23.68
N PRO B 167 13.98 -7.61 22.41
CA PRO B 167 12.57 -7.49 22.04
C PRO B 167 11.73 -8.58 22.69
N ALA B 168 10.42 -8.33 22.87
CA ALA B 168 9.48 -9.33 23.39
C ALA B 168 9.32 -10.45 22.33
N LEU B 169 9.52 -10.09 21.04
CA LEU B 169 9.45 -11.01 19.90
C LEU B 169 10.39 -10.58 18.79
N PHE B 170 11.14 -11.54 18.25
CA PHE B 170 12.01 -11.31 17.10
C PHE B 170 11.37 -11.99 15.89
N VAL B 171 11.07 -11.19 14.86
CA VAL B 171 10.48 -11.68 13.61
C VAL B 171 11.58 -11.68 12.57
N ASP B 172 11.91 -12.89 12.06
CA ASP B 172 12.99 -13.07 11.10
C ASP B 172 12.47 -13.55 9.74
N ILE B 173 13.11 -13.09 8.68
CA ILE B 173 12.81 -13.37 7.27
C ILE B 173 13.96 -14.13 6.58
N CYS B 174 15.09 -14.33 7.29
CA CYS B 174 16.26 -15.01 6.72
C CYS B 174 15.96 -16.49 6.45
N PRO B 175 16.07 -16.99 5.18
CA PRO B 175 15.78 -18.42 4.93
C PRO B 175 16.77 -19.35 5.66
N PRO B 176 16.34 -20.58 6.09
CA PRO B 176 17.21 -21.47 6.89
C PRO B 176 18.65 -21.67 6.42
N SER B 177 18.85 -21.86 5.11
CA SER B 177 20.17 -22.07 4.50
C SER B 177 21.12 -20.87 4.66
N LEU B 178 20.58 -19.67 4.96
CA LEU B 178 21.41 -18.46 5.13
C LEU B 178 21.50 -17.99 6.61
N ARG B 179 20.74 -18.61 7.53
CA ARG B 179 20.76 -18.23 8.94
C ARG B 179 22.07 -18.69 9.63
N PRO B 180 22.78 -17.80 10.37
CA PRO B 180 23.99 -18.25 11.08
C PRO B 180 23.66 -19.21 12.24
N ALA B 181 24.66 -20.01 12.68
CA ALA B 181 24.51 -20.98 13.76
C ALA B 181 24.14 -20.33 15.10
N ASP B 182 24.63 -19.09 15.37
CA ASP B 182 24.37 -18.37 16.61
C ASP B 182 23.09 -17.47 16.54
N ALA B 183 22.25 -17.63 15.50
CA ALA B 183 21.01 -16.86 15.36
C ALA B 183 20.05 -17.19 16.52
N PRO B 184 19.45 -16.17 17.19
CA PRO B 184 18.54 -16.47 18.30
C PRO B 184 17.22 -17.06 17.84
N PRO B 185 16.42 -17.72 18.71
CA PRO B 185 15.10 -18.24 18.24
C PRO B 185 14.22 -17.09 17.74
N ALA B 186 13.39 -17.36 16.73
CA ALA B 186 12.55 -16.31 16.15
C ALA B 186 11.24 -16.84 15.64
N GLN B 187 10.31 -15.90 15.44
CA GLN B 187 9.08 -16.16 14.73
C GLN B 187 9.45 -15.95 13.28
N MET B 188 9.49 -17.02 12.49
CA MET B 188 9.89 -16.87 11.09
C MET B 188 8.74 -16.24 10.29
N MET B 189 9.07 -15.57 9.20
CA MET B 189 8.09 -14.93 8.32
C MET B 189 8.56 -14.99 6.88
N ARG B 190 7.61 -15.22 5.96
CA ARG B 190 7.87 -15.18 4.54
C ARG B 190 7.98 -13.73 4.13
N TRP B 191 9.16 -13.36 3.59
CA TRP B 191 9.38 -12.02 3.05
C TRP B 191 8.62 -11.90 1.74
N VAL B 192 7.98 -10.75 1.52
CA VAL B 192 7.28 -10.47 0.27
C VAL B 192 7.69 -9.06 -0.14
N PRO B 193 7.86 -8.76 -1.45
CA PRO B 193 8.23 -7.39 -1.83
C PRO B 193 7.08 -6.40 -1.61
N ALA B 194 7.41 -5.17 -1.28
CA ALA B 194 6.45 -4.08 -1.05
C ALA B 194 7.12 -2.75 -1.38
N ASN B 195 7.84 -2.74 -2.50
CA ASN B 195 8.60 -1.57 -2.95
C ASN B 195 7.70 -0.55 -3.65
N GLY B 196 8.24 0.66 -3.81
CA GLY B 196 7.56 1.79 -4.46
C GLY B 196 7.09 1.39 -5.84
N GLN B 197 5.84 1.76 -6.15
CA GLN B 197 5.19 1.40 -7.39
C GLN B 197 5.06 2.59 -8.33
N ARG B 198 4.87 2.22 -9.57
CA ARG B 198 4.87 3.05 -10.75
C ARG B 198 3.88 2.55 -11.81
N ARG B 199 3.46 3.43 -12.74
CA ARG B 199 2.70 3.01 -13.90
C ARG B 199 3.57 2.00 -14.68
N LEU B 200 3.08 0.78 -14.88
CA LEU B 200 3.88 -0.23 -15.57
C LEU B 200 3.79 -0.05 -17.07
N GLU B 201 4.95 -0.20 -17.73
CA GLU B 201 5.09 -0.19 -19.18
C GLU B 201 5.38 -1.64 -19.57
N PRO B 202 4.94 -2.14 -20.76
CA PRO B 202 5.15 -3.56 -21.10
C PRO B 202 6.57 -4.10 -20.94
N TRP B 203 7.62 -3.30 -21.22
CA TRP B 203 9.02 -3.73 -21.12
C TRP B 203 9.38 -4.19 -19.68
N MET B 204 8.71 -3.62 -18.66
CA MET B 204 8.99 -3.93 -17.25
C MET B 204 8.59 -5.37 -16.87
N TYR B 205 7.51 -5.93 -17.47
CA TYR B 205 7.04 -7.28 -17.14
C TYR B 205 7.18 -8.27 -18.30
N THR B 206 7.86 -7.87 -19.39
CA THR B 206 8.10 -8.77 -20.52
C THR B 206 9.60 -8.82 -20.82
N LYS B 207 10.14 -10.04 -20.88
CA LYS B 207 11.53 -10.28 -21.23
C LYS B 207 11.71 -10.07 -22.74
N GLY B 208 12.91 -9.62 -23.14
CA GLY B 208 13.26 -9.40 -24.54
C GLY B 208 13.81 -10.65 -25.21
N ASN B 209 14.45 -10.48 -26.39
CA ASN B 209 15.03 -11.60 -27.14
C ASN B 209 16.46 -11.93 -26.68
N ARG B 210 17.04 -11.06 -25.82
CA ARG B 210 18.38 -11.20 -25.26
C ARG B 210 18.32 -11.41 -23.72
N PRO B 211 19.38 -11.96 -23.06
CA PRO B 211 19.35 -12.01 -21.58
C PRO B 211 19.29 -10.59 -21.01
N ARG B 212 18.60 -10.40 -19.88
CA ARG B 212 18.44 -9.05 -19.30
C ARG B 212 19.22 -8.90 -18.00
N ILE B 213 20.00 -7.81 -17.92
CA ILE B 213 20.79 -7.48 -16.74
C ILE B 213 20.23 -6.22 -16.07
N LEU B 214 19.80 -6.35 -14.79
CA LEU B 214 19.37 -5.20 -14.01
C LEU B 214 20.54 -4.73 -13.15
N VAL B 215 20.77 -3.41 -13.17
CA VAL B 215 21.83 -2.72 -12.45
C VAL B 215 21.16 -1.71 -11.51
N THR B 216 21.54 -1.69 -10.23
CA THR B 216 20.99 -0.75 -9.25
C THR B 216 22.00 -0.45 -8.12
N SER B 217 21.83 0.71 -7.44
CA SER B 217 22.65 1.15 -6.31
C SER B 217 21.74 1.52 -5.10
N GLY B 218 20.50 1.05 -5.16
CA GLY B 218 19.55 1.24 -4.05
C GLY B 218 18.68 2.47 -4.13
N SER B 219 18.01 2.77 -3.01
CA SER B 219 17.00 3.82 -2.88
C SER B 219 17.46 5.01 -2.00
N ARG B 220 18.69 4.96 -1.47
CA ARG B 220 19.28 6.04 -0.68
C ARG B 220 19.89 7.08 -1.61
N LEU B 221 19.29 8.28 -1.67
CA LEU B 221 19.72 9.37 -2.56
C LEU B 221 21.19 9.76 -2.33
N VAL B 222 21.68 9.74 -1.07
CA VAL B 222 23.07 10.11 -0.75
C VAL B 222 24.08 9.16 -1.41
N PHE B 223 23.72 7.87 -1.59
CA PHE B 223 24.61 6.89 -2.21
C PHE B 223 24.29 6.70 -3.70
N ALA B 224 23.01 6.78 -4.10
CA ALA B 224 22.58 6.65 -5.49
C ALA B 224 23.11 7.82 -6.36
N LYS B 225 23.23 9.03 -5.77
CA LYS B 225 23.76 10.25 -6.45
C LYS B 225 25.20 10.04 -6.97
N LYS B 226 25.94 9.07 -6.39
CA LYS B 226 27.28 8.69 -6.84
C LYS B 226 27.11 7.80 -8.09
N THR B 227 26.77 8.45 -9.23
CA THR B 227 26.47 7.83 -10.53
C THR B 227 27.65 7.07 -11.16
N GLY B 228 28.87 7.36 -10.68
CA GLY B 228 30.10 6.73 -11.15
C GLY B 228 30.04 5.22 -11.11
N PHE B 229 29.48 4.67 -10.02
CA PHE B 229 29.30 3.23 -9.81
C PHE B 229 28.38 2.63 -10.90
N LEU B 230 27.23 3.27 -11.20
CA LEU B 230 26.28 2.79 -12.21
C LEU B 230 26.85 2.91 -13.63
N ARG B 231 27.50 4.05 -13.94
CA ARG B 231 28.16 4.27 -15.24
C ARG B 231 29.24 3.21 -15.47
N GLY B 232 30.03 2.96 -14.43
CA GLY B 232 31.12 1.98 -14.43
C GLY B 232 30.66 0.58 -14.76
N LEU B 233 29.60 0.11 -14.07
CA LEU B 233 29.01 -1.21 -14.27
C LEU B 233 28.49 -1.43 -15.69
N VAL B 234 27.77 -0.43 -16.26
CA VAL B 234 27.20 -0.51 -17.61
C VAL B 234 28.35 -0.66 -18.64
N ALA B 235 29.46 0.09 -18.45
CA ALA B 235 30.63 0.06 -19.33
C ALA B 235 31.33 -1.30 -19.26
N ASP B 236 31.36 -1.93 -18.07
CA ASP B 236 31.99 -3.24 -17.86
C ASP B 236 31.19 -4.39 -18.49
N MET B 237 29.92 -4.15 -18.86
CA MET B 237 29.02 -5.17 -19.42
C MET B 237 28.84 -5.03 -20.95
N ALA B 238 29.48 -4.01 -21.57
CA ALA B 238 29.39 -3.65 -22.99
C ALA B 238 29.61 -4.82 -23.97
N ALA B 239 30.58 -5.71 -23.70
CA ALA B 239 30.92 -6.85 -24.55
C ALA B 239 29.92 -8.01 -24.45
N LEU B 240 29.13 -8.06 -23.36
CA LEU B 240 28.15 -9.14 -23.11
C LEU B 240 26.96 -9.04 -24.04
N ASP B 241 26.49 -10.21 -24.52
CA ASP B 241 25.31 -10.31 -25.39
C ASP B 241 24.08 -10.26 -24.50
N ALA B 242 23.74 -9.05 -24.03
CA ALA B 242 22.62 -8.84 -23.10
C ALA B 242 22.18 -7.38 -23.06
N GLU B 243 20.91 -7.14 -22.71
CA GLU B 243 20.31 -5.82 -22.55
C GLU B 243 20.51 -5.35 -21.09
N VAL B 244 20.76 -4.03 -20.90
CA VAL B 244 21.01 -3.47 -19.56
C VAL B 244 19.91 -2.44 -19.18
N VAL B 245 19.35 -2.64 -17.98
CA VAL B 245 18.35 -1.79 -17.37
C VAL B 245 18.94 -1.23 -16.06
N ILE B 246 18.90 0.11 -15.91
CA ILE B 246 19.35 0.78 -14.69
C ILE B 246 18.14 1.11 -13.83
N ALA B 247 18.02 0.48 -12.66
CA ALA B 247 16.96 0.76 -11.69
C ALA B 247 17.54 1.74 -10.68
N THR B 248 17.10 3.00 -10.70
CA THR B 248 17.62 4.02 -9.78
C THR B 248 16.54 5.07 -9.50
N LEU B 249 16.83 6.01 -8.59
CA LEU B 249 15.90 7.11 -8.30
C LEU B 249 15.77 7.99 -9.54
N ASP B 250 14.55 8.48 -9.82
CA ASP B 250 14.27 9.30 -11.01
C ASP B 250 15.15 10.56 -11.09
N GLU B 251 15.41 11.22 -9.94
CA GLU B 251 16.24 12.42 -9.89
C GLU B 251 17.70 12.11 -10.24
N VAL B 252 18.15 10.87 -9.96
CA VAL B 252 19.49 10.36 -10.29
C VAL B 252 19.50 9.98 -11.79
N ALA B 253 18.39 9.42 -12.32
CA ALA B 253 18.24 9.04 -13.73
C ALA B 253 18.30 10.26 -14.66
N GLU B 254 17.92 11.46 -14.17
CA GLU B 254 17.97 12.72 -14.91
C GLU B 254 19.40 13.04 -15.34
N GLU B 255 20.37 12.76 -14.44
CA GLU B 255 21.79 12.99 -14.66
C GLU B 255 22.37 11.95 -15.62
N LEU B 256 21.87 10.70 -15.57
CA LEU B 256 22.32 9.60 -16.42
C LEU B 256 21.82 9.72 -17.87
N ARG B 257 20.71 10.44 -18.10
CA ARG B 257 20.16 10.58 -19.45
C ARG B 257 20.97 11.57 -20.30
N THR B 258 21.74 12.45 -19.64
CA THR B 258 22.61 13.43 -20.30
C THR B 258 24.05 12.88 -20.34
N GLU B 259 24.38 11.92 -19.44
CA GLU B 259 25.69 11.29 -19.27
C GLU B 259 25.85 9.96 -20.01
N LEU B 260 24.79 9.14 -20.05
CA LEU B 260 24.82 7.81 -20.68
C LEU B 260 23.53 7.59 -21.50
N PRO B 261 23.45 8.18 -22.73
CA PRO B 261 22.24 8.01 -23.55
C PRO B 261 22.16 6.62 -24.19
N GLY B 262 20.93 6.14 -24.37
CA GLY B 262 20.66 4.85 -24.98
C GLY B 262 20.41 3.72 -24.01
N VAL B 263 20.57 4.00 -22.69
CA VAL B 263 20.33 3.04 -21.62
C VAL B 263 19.11 3.51 -20.82
N ARG B 264 18.22 2.58 -20.51
CA ARG B 264 17.04 2.79 -19.70
C ARG B 264 17.44 3.02 -18.24
N ALA B 265 17.06 4.17 -17.66
CA ALA B 265 17.36 4.53 -16.27
C ALA B 265 16.14 5.18 -15.62
N GLY B 266 15.87 4.82 -14.36
CA GLY B 266 14.74 5.34 -13.61
C GLY B 266 14.16 4.32 -12.66
N TRP B 267 13.10 4.73 -11.92
CA TRP B 267 12.45 3.86 -10.96
C TRP B 267 11.60 2.80 -11.65
N VAL B 268 12.00 1.55 -11.49
CA VAL B 268 11.30 0.36 -11.98
C VAL B 268 10.90 -0.43 -10.76
N PRO B 269 9.62 -0.71 -10.51
CA PRO B 269 9.29 -1.52 -9.31
C PRO B 269 10.02 -2.85 -9.43
N LEU B 270 10.98 -3.06 -8.52
CA LEU B 270 11.88 -4.21 -8.57
C LEU B 270 11.17 -5.55 -8.60
N ASP B 271 10.11 -5.74 -7.80
CA ASP B 271 9.32 -6.99 -7.76
C ASP B 271 8.76 -7.37 -9.15
N VAL B 272 8.44 -6.36 -9.99
CA VAL B 272 7.86 -6.56 -11.31
C VAL B 272 8.94 -6.94 -12.35
N VAL B 273 10.04 -6.19 -12.39
CA VAL B 273 11.06 -6.36 -13.41
C VAL B 273 12.06 -7.52 -13.12
N VAL B 274 12.42 -7.76 -11.84
CA VAL B 274 13.41 -8.80 -11.50
C VAL B 274 13.05 -10.22 -12.10
N PRO B 275 11.78 -10.74 -12.09
CA PRO B 275 11.54 -12.06 -12.73
C PRO B 275 11.81 -12.11 -14.24
N THR B 276 12.04 -10.94 -14.91
CA THR B 276 12.34 -10.89 -16.36
C THR B 276 13.86 -10.83 -16.60
N CYS B 277 14.62 -10.70 -15.51
CA CYS B 277 16.07 -10.58 -15.56
C CYS B 277 16.80 -11.92 -15.40
N ASP B 278 18.01 -12.00 -15.98
CA ASP B 278 18.93 -13.12 -15.87
C ASP B 278 19.88 -12.88 -14.71
N VAL B 279 20.23 -11.60 -14.45
CA VAL B 279 21.13 -11.19 -13.37
C VAL B 279 20.63 -9.87 -12.74
N VAL B 280 20.80 -9.74 -11.41
CA VAL B 280 20.55 -8.52 -10.67
C VAL B 280 21.91 -8.11 -10.11
N VAL B 281 22.42 -6.95 -10.54
CA VAL B 281 23.71 -6.43 -10.11
C VAL B 281 23.46 -5.31 -9.10
N HIS B 282 23.96 -5.43 -7.87
CA HIS B 282 23.74 -4.35 -6.90
C HIS B 282 25.00 -4.05 -6.07
N HIS B 283 24.89 -3.00 -5.24
CA HIS B 283 25.86 -2.36 -4.36
C HIS B 283 25.99 -3.02 -2.99
N ALA B 284 25.38 -4.21 -2.79
CA ALA B 284 25.26 -4.95 -1.53
C ALA B 284 24.11 -4.34 -0.69
N GLY B 285 22.93 -4.35 -1.30
CA GLY B 285 21.67 -3.90 -0.72
C GLY B 285 20.85 -5.12 -0.35
N GLY B 286 20.56 -5.27 0.93
CA GLY B 286 19.80 -6.41 1.48
C GLY B 286 18.41 -6.67 0.93
N VAL B 287 17.65 -5.61 0.64
CA VAL B 287 16.26 -5.76 0.14
C VAL B 287 16.26 -6.10 -1.38
N THR B 288 17.26 -5.59 -2.14
CA THR B 288 17.43 -5.93 -3.57
C THR B 288 17.83 -7.42 -3.63
N ALA B 289 18.76 -7.82 -2.73
CA ALA B 289 19.25 -9.20 -2.55
C ALA B 289 18.06 -10.15 -2.32
N LEU B 290 17.11 -9.76 -1.43
CA LEU B 290 15.90 -10.53 -1.17
C LEU B 290 14.99 -10.58 -2.39
N THR B 291 14.86 -9.46 -3.13
CA THR B 291 14.00 -9.41 -4.33
C THR B 291 14.48 -10.44 -5.36
N ALA B 292 15.80 -10.51 -5.58
CA ALA B 292 16.45 -11.43 -6.52
C ALA B 292 16.26 -12.89 -6.07
N MET B 293 16.59 -13.18 -4.79
CA MET B 293 16.49 -14.45 -4.02
C MET B 293 15.09 -15.05 -4.20
N ASN B 294 14.05 -14.27 -3.81
CA ASN B 294 12.62 -14.56 -3.86
C ASN B 294 12.13 -14.86 -5.28
N ALA B 295 12.69 -14.20 -6.31
CA ALA B 295 12.32 -14.43 -7.71
C ALA B 295 13.12 -15.59 -8.34
N GLY B 296 14.07 -16.14 -7.60
CA GLY B 296 14.95 -17.21 -8.07
C GLY B 296 15.91 -16.75 -9.14
N VAL B 297 16.31 -15.47 -9.07
CA VAL B 297 17.22 -14.83 -10.04
C VAL B 297 18.64 -14.74 -9.46
N PRO B 298 19.69 -15.18 -10.21
CA PRO B 298 21.07 -15.03 -9.72
C PRO B 298 21.45 -13.55 -9.56
N GLN B 299 22.38 -13.25 -8.64
CA GLN B 299 22.72 -11.87 -8.42
C GLN B 299 24.22 -11.60 -8.32
N LEU B 300 24.65 -10.42 -8.77
CA LEU B 300 26.03 -9.99 -8.70
C LEU B 300 26.14 -8.89 -7.66
N ILE B 301 26.96 -9.13 -6.65
CA ILE B 301 27.14 -8.16 -5.57
C ILE B 301 28.49 -7.46 -5.75
N VAL B 302 28.45 -6.13 -5.89
CA VAL B 302 29.63 -5.27 -6.08
C VAL B 302 29.63 -4.31 -4.87
N PRO B 303 30.12 -4.76 -3.68
CA PRO B 303 30.00 -3.96 -2.44
C PRO B 303 30.50 -2.52 -2.49
N GLN B 304 29.61 -1.59 -2.10
CA GLN B 304 29.86 -0.14 -2.02
C GLN B 304 29.83 0.27 -0.55
N GLY B 305 30.53 -0.51 0.27
CA GLY B 305 30.53 -0.32 1.72
C GLY B 305 29.23 -0.85 2.30
N GLY B 306 28.84 -0.32 3.44
CA GLY B 306 27.63 -0.75 4.12
C GLY B 306 27.86 -1.93 5.03
N ASN B 307 26.79 -2.48 5.61
CA ASN B 307 26.91 -3.59 6.57
C ASN B 307 26.17 -4.87 6.11
N PHE B 308 25.84 -4.99 4.82
CA PHE B 308 25.19 -6.18 4.29
C PHE B 308 26.24 -7.11 3.63
N VAL B 309 27.46 -6.61 3.41
CA VAL B 309 28.57 -7.31 2.75
C VAL B 309 28.73 -8.78 3.28
N GLU B 310 28.78 -8.98 4.60
CA GLU B 310 28.92 -10.33 5.20
C GLU B 310 27.73 -11.26 4.83
N ALA B 311 26.48 -10.74 4.90
CA ALA B 311 25.27 -11.49 4.57
C ALA B 311 25.18 -11.81 3.09
N GLY B 312 25.69 -10.90 2.26
CA GLY B 312 25.78 -11.11 0.81
C GLY B 312 26.78 -12.18 0.44
N LEU B 313 27.83 -12.35 1.25
CA LEU B 313 28.87 -13.37 1.10
C LEU B 313 28.29 -14.76 1.42
N ARG B 314 27.30 -14.84 2.34
CA ARG B 314 26.61 -16.07 2.68
C ARG B 314 25.77 -16.57 1.48
N ILE B 315 25.16 -15.64 0.72
CA ILE B 315 24.38 -15.94 -0.52
C ILE B 315 25.36 -16.47 -1.59
N SER B 316 26.53 -15.82 -1.66
CA SER B 316 27.63 -16.13 -2.58
C SER B 316 28.19 -17.53 -2.27
N ASP B 317 28.42 -17.83 -0.98
CA ASP B 317 28.93 -19.13 -0.53
C ASP B 317 27.89 -20.23 -0.75
N PHE B 318 26.58 -19.89 -0.65
CA PHE B 318 25.48 -20.83 -0.93
C PHE B 318 25.44 -21.15 -2.44
N GLY B 319 25.88 -20.19 -3.26
CA GLY B 319 25.96 -20.37 -4.70
C GLY B 319 24.86 -19.73 -5.52
N ALA B 320 24.06 -18.83 -4.91
CA ALA B 320 22.96 -18.16 -5.61
C ALA B 320 23.39 -16.76 -6.03
N ALA B 321 24.69 -16.45 -5.83
CA ALA B 321 25.29 -15.16 -6.12
C ALA B 321 26.82 -15.25 -6.27
N ILE B 322 27.42 -14.10 -6.64
CA ILE B 322 28.87 -13.88 -6.71
C ILE B 322 29.15 -12.48 -6.16
N THR B 323 30.13 -12.39 -5.27
CA THR B 323 30.65 -11.13 -4.73
C THR B 323 32.03 -10.94 -5.35
N VAL B 324 32.31 -9.76 -5.88
CA VAL B 324 33.61 -9.51 -6.49
C VAL B 324 34.53 -8.80 -5.47
N ASP B 325 35.78 -9.28 -5.36
CA ASP B 325 36.77 -8.74 -4.42
C ASP B 325 37.20 -7.32 -4.79
N GLU B 326 37.18 -6.98 -6.08
CA GLU B 326 37.57 -5.67 -6.58
C GLU B 326 36.62 -5.22 -7.69
N ASN B 327 36.31 -3.93 -7.74
CA ASN B 327 35.45 -3.42 -8.80
C ASN B 327 36.32 -3.07 -10.01
N THR B 328 36.65 -4.09 -10.82
CA THR B 328 37.45 -3.98 -12.05
C THR B 328 36.59 -4.44 -13.24
N PRO B 329 36.84 -3.95 -14.49
CA PRO B 329 36.02 -4.39 -15.63
C PRO B 329 36.02 -5.90 -15.85
N GLU B 330 37.20 -6.54 -15.69
CA GLU B 330 37.46 -7.97 -15.87
C GLU B 330 36.66 -8.84 -14.90
N ALA B 331 36.56 -8.43 -13.62
CA ALA B 331 35.82 -9.17 -12.58
C ALA B 331 34.31 -9.08 -12.77
N VAL B 332 33.79 -7.87 -13.07
CA VAL B 332 32.36 -7.60 -13.29
C VAL B 332 31.87 -8.35 -14.54
N GLU B 333 32.67 -8.31 -15.64
CA GLU B 333 32.36 -8.95 -16.92
C GLU B 333 32.33 -10.48 -16.78
N LYS B 334 33.38 -11.06 -16.16
CA LYS B 334 33.52 -12.50 -15.92
C LYS B 334 32.37 -13.06 -15.06
N ALA B 335 32.15 -12.46 -13.88
CA ALA B 335 31.11 -12.89 -12.94
C ALA B 335 29.71 -12.85 -13.58
N CYS B 336 29.46 -11.88 -14.48
CA CYS B 336 28.20 -11.71 -15.20
C CYS B 336 27.90 -12.85 -16.18
N GLY B 337 28.90 -13.21 -16.99
CA GLY B 337 28.79 -14.28 -17.97
C GLY B 337 28.59 -15.61 -17.29
N GLU B 338 29.26 -15.79 -16.14
CA GLU B 338 29.18 -16.98 -15.30
C GLU B 338 27.75 -17.11 -14.68
N LEU B 339 27.13 -15.98 -14.27
CA LEU B 339 25.78 -15.97 -13.67
C LEU B 339 24.70 -16.27 -14.71
N ILE B 340 24.92 -15.84 -15.97
CA ILE B 340 24.01 -16.10 -17.10
C ILE B 340 24.23 -17.52 -17.65
N GLY B 341 25.50 -17.85 -17.93
CA GLY B 341 25.93 -19.11 -18.53
C GLY B 341 25.92 -20.37 -17.69
N ASN B 342 26.28 -20.28 -16.39
CA ASN B 342 26.30 -21.45 -15.51
C ASN B 342 24.91 -21.60 -14.84
N PRO B 343 24.16 -22.69 -15.15
CA PRO B 343 22.80 -22.84 -14.60
C PRO B 343 22.69 -23.04 -13.10
N SER B 344 23.78 -23.44 -12.41
CA SER B 344 23.80 -23.73 -10.96
C SER B 344 23.39 -22.52 -10.09
N TYR B 345 23.75 -21.29 -10.50
CA TYR B 345 23.42 -20.06 -9.75
C TYR B 345 21.91 -19.85 -9.66
N ALA B 346 21.19 -20.01 -10.80
CA ALA B 346 19.73 -19.88 -10.84
C ALA B 346 19.07 -21.04 -10.08
N GLU B 347 19.68 -22.25 -10.15
CA GLU B 347 19.23 -23.45 -9.45
C GLU B 347 19.24 -23.17 -7.95
N ARG B 348 20.35 -22.57 -7.43
CA ARG B 348 20.52 -22.19 -6.02
C ARG B 348 19.58 -21.05 -5.63
N ALA B 349 19.36 -20.08 -6.53
CA ALA B 349 18.48 -18.94 -6.29
C ALA B 349 17.03 -19.40 -6.17
N ARG B 350 16.65 -20.44 -6.92
CA ARG B 350 15.31 -21.03 -6.89
C ARG B 350 15.09 -21.82 -5.61
N GLU B 351 16.17 -22.39 -5.06
CA GLU B 351 16.20 -23.13 -3.80
C GLU B 351 15.90 -22.15 -2.66
N LEU B 352 16.51 -20.94 -2.72
CA LEU B 352 16.29 -19.89 -1.72
C LEU B 352 14.87 -19.32 -1.83
N SER B 353 14.35 -19.25 -3.06
CA SER B 353 12.99 -18.81 -3.34
C SER B 353 11.99 -19.80 -2.68
N ALA B 354 12.22 -21.12 -2.82
CA ALA B 354 11.37 -22.17 -2.23
C ALA B 354 11.42 -22.15 -0.70
N GLU B 355 12.58 -21.83 -0.11
CA GLU B 355 12.76 -21.72 1.35
C GLU B 355 11.97 -20.53 1.91
N ILE B 356 12.02 -19.39 1.22
CA ILE B 356 11.28 -18.17 1.60
C ILE B 356 9.78 -18.46 1.54
N ALA B 357 9.31 -19.13 0.46
CA ALA B 357 7.91 -19.47 0.20
C ALA B 357 7.28 -20.40 1.25
N ALA B 358 8.12 -21.21 1.92
CA ALA B 358 7.70 -22.18 2.93
C ALA B 358 7.61 -21.55 4.33
N LEU B 359 8.04 -20.28 4.51
CA LEU B 359 8.01 -19.65 5.82
C LEU B 359 6.61 -19.11 6.18
N PRO B 360 6.25 -18.91 7.49
CA PRO B 360 4.89 -18.43 7.82
C PRO B 360 4.55 -17.09 7.15
N LEU B 361 3.31 -16.97 6.68
CA LEU B 361 2.84 -15.78 5.99
C LEU B 361 2.71 -14.59 6.93
N PRO B 362 2.93 -13.34 6.42
CA PRO B 362 2.71 -12.15 7.25
C PRO B 362 1.33 -12.18 7.94
N ALA B 363 0.27 -12.70 7.27
CA ALA B 363 -1.10 -12.83 7.82
C ALA B 363 -1.14 -13.70 9.07
N GLU B 364 -0.33 -14.79 9.10
CA GLU B 364 -0.21 -15.69 10.26
C GLU B 364 0.59 -15.03 11.37
N VAL B 365 1.63 -14.27 11.00
CA VAL B 365 2.52 -13.57 11.97
C VAL B 365 1.74 -12.48 12.74
N VAL B 366 0.62 -11.96 12.17
CA VAL B 366 -0.25 -10.99 12.85
C VAL B 366 -0.75 -11.62 14.19
N GLY B 367 -1.09 -12.91 14.13
CA GLY B 367 -1.50 -13.72 15.28
C GLY B 367 -0.44 -13.76 16.37
N ALA B 368 0.87 -13.75 15.99
CA ALA B 368 1.96 -13.74 16.97
C ALA B 368 2.04 -12.37 17.64
N LEU B 369 1.74 -11.27 16.89
CA LEU B 369 1.71 -9.91 17.46
C LEU B 369 0.56 -9.79 18.47
N GLU B 370 -0.61 -10.37 18.15
CA GLU B 370 -1.80 -10.37 19.01
C GLU B 370 -1.57 -11.17 20.30
N GLY B 371 -0.83 -12.27 20.21
CA GLY B 371 -0.50 -13.13 21.35
C GLY B 371 0.36 -12.45 22.41
N LEU B 372 1.16 -11.44 22.00
CA LEU B 372 2.04 -10.64 22.89
C LEU B 372 1.28 -9.69 23.80
N VAL B 373 0.13 -9.19 23.32
CA VAL B 373 -0.69 -8.22 24.05
C VAL B 373 -1.82 -9.00 24.78
N GLU B 374 -1.95 -10.32 24.50
CA GLU B 374 -2.93 -11.20 25.12
C GLU B 374 -2.43 -11.73 26.46
O4 3R2 C . -10.26 13.68 2.17
C4 3R2 C . -10.56 12.54 1.86
N3 3R2 C . -10.07 11.42 2.51
C2 3R2 C . -10.35 10.10 2.21
O2 3R2 C . -9.82 9.21 2.86
C5 3R2 C . -11.51 12.24 0.75
C5M 3R2 C . -12.11 13.35 -0.04
C6 3R2 C . -11.77 10.96 0.48
N1 3R2 C . -11.24 9.91 1.18
C1C 3R2 C . -11.61 8.56 0.79
O4C 3R2 C . -12.15 8.51 -0.54
C2C 3R2 C . -12.65 7.95 1.71
C3C 3R2 C . -13.42 7.04 0.80
O3C 3R2 C . -12.71 5.80 0.78
C4C 3R2 C . -13.29 7.65 -0.57
C5C 3R2 C . -14.49 8.50 -0.90
O5C 3R2 C . -15.42 7.62 -1.48
PA 3R2 C . -17.02 7.83 -1.20
O1A 3R2 C . -17.68 6.56 -0.69
O2A 3R2 C . -17.22 9.13 -0.27
O3A 3R2 C . -17.64 8.31 -2.62
PB 3R2 C . -17.06 8.52 -4.13
O1B 3R2 C . -17.92 9.51 -4.87
O2B 3R2 C . -15.51 8.98 -4.03
O3B 3R2 C . -16.93 7.00 -4.74
C1' 3R2 C . -17.83 6.47 -5.72
C2' 3R2 C . -19.28 6.51 -5.24
C3' 3R2 C . -19.54 5.58 -4.06
O3' 3R2 C . -20.92 5.63 -3.70
C4' 3R2 C . -19.13 4.15 -4.40
O4' 3R2 C . -19.41 3.27 -3.31
C5' 3R2 C . -17.66 4.11 -4.77
C6' 3R2 C . -17.15 2.70 -5.02
C7' 3R2 C . -17.38 5.03 -5.97
O4 3R2 D . 14.20 1.59 -9.21
C4 3R2 D . 14.01 1.08 -8.12
N3 3R2 D . 12.94 0.25 -7.84
C2 3R2 D . 12.67 -0.39 -6.64
O2 3R2 D . 11.69 -1.11 -6.52
C5 3R2 D . 14.95 1.31 -6.99
C5M 3R2 D . 16.14 2.20 -7.14
C6 3R2 D . 14.65 0.70 -5.84
N1 3R2 D . 13.58 -0.12 -5.64
C1C 3R2 D . 13.40 -0.71 -4.33
O4C 3R2 D . 14.13 -0.06 -3.29
C2C 3R2 D . 13.82 -2.15 -4.32
C3C 3R2 D . 14.27 -2.39 -2.91
O3C 3R2 D . 13.11 -2.73 -2.18
C4C 3R2 D . 14.74 -1.04 -2.45
C5C 3R2 D . 16.25 -0.92 -2.56
O5C 3R2 D . 16.83 -1.32 -1.34
PA 3R2 D . 18.31 -2.04 -1.33
O1A 3R2 D . 18.35 -3.42 -0.73
O2A 3R2 D . 18.87 -1.98 -2.86
O3A 3R2 D . 19.35 -1.04 -0.59
PB 3R2 D . 19.29 0.46 0.01
O1B 3R2 D . 20.64 1.14 0.02
O2B 3R2 D . 18.14 1.24 -0.84
O3B 3R2 D . 18.63 0.18 1.47
C1' 3R2 D . 19.42 0.16 2.66
C2' 3R2 D . 20.61 -0.80 2.61
C3' 3R2 D . 20.18 -2.27 2.65
O3' 3R2 D . 21.33 -3.11 2.66
C4' 3R2 D . 19.28 -2.58 3.84
O4' 3R2 D . 18.89 -3.95 3.77
C5' 3R2 D . 18.06 -1.66 3.74
C6' 3R2 D . 17.01 -1.90 4.80
C7' 3R2 D . 18.47 -0.20 3.80
MG MG E . 29.82 6.95 23.19
#